data_1GCO
#
_entry.id   1GCO
#
_cell.length_a   120.675
_cell.length_b   66.557
_cell.length_c   119.528
_cell.angle_alpha   90.00
_cell.angle_beta   93.21
_cell.angle_gamma   90.00
#
_symmetry.space_group_name_H-M   'C 1 2 1'
#
loop_
_entity.id
_entity.type
_entity.pdbx_description
1 polymer 'GLUCOSE DEHYDROGENASE'
2 non-polymer NICOTINAMIDE-ADENINE-DINUCLEOTIDE
3 water water
#
_entity_poly.entity_id   1
_entity_poly.type   'polypeptide(L)'
_entity_poly.pdbx_seq_one_letter_code
;MYKDLEGKVVVITGSSTGLGKSMAIRFATEKAKVVVNYRSKEDEANSVLEEIKKVGGEAIAVKGDVTVESDVINLVQSAI
KEFGKLDVMINNAGLENPVSSHEMSLSDWNKVIDTNLTGAFLGSREAIKYFVENDIKGTVINMSSVHEKIPWPLFVHYAA
SKGGMKLMTETLALEYAPKGIRVNNIGPGAINTPINAEKFADPEQRADVESMIPMGYIGEPEEIAAVAAWLASSEASYVT
GITLFADGGMTQYPSFQAGRG
;
_entity_poly.pdbx_strand_id   A,B,E,F
#
loop_
_chem_comp.id
_chem_comp.type
_chem_comp.name
_chem_comp.formula
NAD non-polymer NICOTINAMIDE-ADENINE-DINUCLEOTIDE 'C21 H27 N7 O14 P2'
#
# COMPACT_ATOMS: atom_id res chain seq x y z
N MET A 1 59.93 12.92 -49.96
CA MET A 1 59.61 11.94 -51.05
C MET A 1 58.88 12.62 -52.21
N TYR A 2 57.88 13.42 -51.90
CA TYR A 2 57.11 14.12 -52.92
C TYR A 2 57.49 15.59 -52.93
N LYS A 3 58.37 15.95 -53.87
CA LYS A 3 58.85 17.32 -53.99
C LYS A 3 57.76 18.38 -54.13
N ASP A 4 56.63 18.02 -54.75
CA ASP A 4 55.56 18.97 -54.95
C ASP A 4 54.82 19.36 -53.67
N LEU A 5 55.01 18.59 -52.60
CA LEU A 5 54.35 18.89 -51.35
C LEU A 5 55.06 19.99 -50.56
N GLU A 6 56.30 20.30 -50.92
CA GLU A 6 57.03 21.33 -50.22
C GLU A 6 56.31 22.68 -50.32
N GLY A 7 56.05 23.28 -49.17
CA GLY A 7 55.39 24.58 -49.15
C GLY A 7 53.87 24.53 -49.20
N LYS A 8 53.30 23.36 -49.43
CA LYS A 8 51.85 23.22 -49.47
C LYS A 8 51.32 23.35 -48.06
N VAL A 9 50.13 23.95 -47.91
CA VAL A 9 49.51 24.12 -46.61
C VAL A 9 48.46 23.04 -46.42
N VAL A 10 48.63 22.24 -45.37
CA VAL A 10 47.74 21.14 -45.06
C VAL A 10 47.03 21.29 -43.73
N VAL A 11 45.71 21.20 -43.75
CA VAL A 11 44.91 21.29 -42.53
C VAL A 11 44.35 19.90 -42.25
N ILE A 12 44.51 19.43 -41.01
CA ILE A 12 44.02 18.10 -40.63
C ILE A 12 43.17 18.19 -39.36
N THR A 13 41.90 17.81 -39.45
CA THR A 13 41.05 17.87 -38.26
C THR A 13 41.34 16.67 -37.36
N GLY A 14 41.17 16.87 -36.05
CA GLY A 14 41.44 15.80 -35.09
C GLY A 14 42.84 15.23 -35.25
N SER A 15 43.83 16.11 -35.37
CA SER A 15 45.20 15.68 -35.57
C SER A 15 46.13 15.72 -34.36
N SER A 16 45.57 15.76 -33.15
CA SER A 16 46.41 15.79 -31.96
C SER A 16 46.73 14.35 -31.51
N THR A 17 46.04 13.37 -32.11
CA THR A 17 46.25 11.97 -31.79
C THR A 17 46.07 11.06 -33.01
N GLY A 18 46.39 9.78 -32.80
CA GLY A 18 46.23 8.76 -33.81
C GLY A 18 46.64 9.02 -35.25
N LEU A 19 45.78 8.65 -36.18
CA LEU A 19 46.06 8.82 -37.60
C LEU A 19 46.32 10.28 -37.97
N GLY A 20 45.55 11.19 -37.36
CA GLY A 20 45.71 12.60 -37.64
C GLY A 20 47.11 13.06 -37.31
N LYS A 21 47.60 12.64 -36.15
CA LYS A 21 48.94 12.99 -35.69
C LYS A 21 49.99 12.43 -36.64
N SER A 22 49.84 11.16 -37.01
CA SER A 22 50.79 10.53 -37.91
C SER A 22 50.83 11.24 -39.26
N MET A 23 49.67 11.66 -39.77
CA MET A 23 49.64 12.36 -41.04
C MET A 23 50.29 13.73 -40.91
N ALA A 24 50.07 14.40 -39.78
CA ALA A 24 50.64 15.72 -39.55
C ALA A 24 52.17 15.61 -39.62
N ILE A 25 52.71 14.60 -38.96
CA ILE A 25 54.15 14.39 -38.93
C ILE A 25 54.68 14.02 -40.32
N ARG A 26 53.95 13.18 -41.04
CA ARG A 26 54.40 12.77 -42.37
C ARG A 26 54.43 13.97 -43.31
N PHE A 27 53.38 14.79 -43.29
CA PHE A 27 53.36 15.96 -44.16
C PHE A 27 54.47 16.94 -43.79
N ALA A 28 54.77 17.04 -42.50
CA ALA A 28 55.83 17.95 -42.05
C ALA A 28 57.16 17.45 -42.64
N THR A 29 57.33 16.14 -42.68
CA THR A 29 58.53 15.54 -43.22
C THR A 29 58.64 15.81 -44.72
N GLU A 30 57.49 16.00 -45.37
CA GLU A 30 57.46 16.29 -46.80
C GLU A 30 57.63 17.80 -47.01
N LYS A 31 57.92 18.50 -45.93
CA LYS A 31 58.13 19.94 -45.94
C LYS A 31 56.89 20.78 -46.21
N ALA A 32 55.72 20.23 -45.90
CA ALA A 32 54.47 20.97 -46.08
C ALA A 32 54.26 21.73 -44.77
N LYS A 33 53.45 22.78 -44.82
CA LYS A 33 53.14 23.56 -43.62
C LYS A 33 51.85 22.94 -43.09
N VAL A 34 51.86 22.57 -41.82
CA VAL A 34 50.71 21.90 -41.24
C VAL A 34 49.93 22.66 -40.18
N VAL A 35 48.60 22.54 -40.25
CA VAL A 35 47.72 23.16 -39.29
C VAL A 35 47.09 22.00 -38.51
N VAL A 36 47.51 21.86 -37.26
CA VAL A 36 47.00 20.81 -36.39
C VAL A 36 45.74 21.30 -35.71
N ASN A 37 44.83 20.38 -35.42
CA ASN A 37 43.57 20.73 -34.78
C ASN A 37 43.28 19.88 -33.56
N TYR A 38 42.86 20.55 -32.49
CA TYR A 38 42.51 19.86 -31.25
C TYR A 38 41.13 20.35 -30.87
N ARG A 39 40.33 19.47 -30.26
CA ARG A 39 38.98 19.82 -29.84
C ARG A 39 38.98 20.60 -28.53
N SER A 40 39.72 20.08 -27.55
CA SER A 40 39.79 20.74 -26.25
C SER A 40 41.15 20.61 -25.57
N LYS A 41 41.71 19.41 -25.55
CA LYS A 41 43.00 19.18 -24.91
C LYS A 41 44.18 19.72 -25.70
N GLU A 42 44.62 20.91 -25.33
CA GLU A 42 45.74 21.58 -26.00
C GLU A 42 47.08 20.89 -25.77
N ASP A 43 47.23 20.24 -24.61
CA ASP A 43 48.48 19.56 -24.30
C ASP A 43 48.81 18.50 -25.33
N GLU A 44 47.80 17.78 -25.80
CA GLU A 44 48.00 16.75 -26.82
C GLU A 44 48.50 17.39 -28.10
N ALA A 45 47.95 18.55 -28.43
CA ALA A 45 48.35 19.26 -29.63
C ALA A 45 49.82 19.71 -29.56
N ASN A 46 50.21 20.28 -28.43
CA ASN A 46 51.59 20.73 -28.28
C ASN A 46 52.56 19.57 -28.49
N SER A 47 52.13 18.37 -28.12
CA SER A 47 52.95 17.18 -28.28
C SER A 47 53.25 16.93 -29.76
N VAL A 48 52.23 17.03 -30.60
CA VAL A 48 52.41 16.83 -32.03
C VAL A 48 53.30 17.94 -32.57
N LEU A 49 53.11 19.16 -32.08
CA LEU A 49 53.91 20.28 -32.53
C LEU A 49 55.39 20.03 -32.23
N GLU A 50 55.67 19.36 -31.12
CA GLU A 50 57.04 19.06 -30.73
C GLU A 50 57.65 18.05 -31.69
N GLU A 51 56.86 17.05 -32.09
CA GLU A 51 57.33 16.03 -33.02
C GLU A 51 57.63 16.67 -34.36
N ILE A 52 56.77 17.60 -34.76
CA ILE A 52 56.95 18.29 -36.03
C ILE A 52 58.23 19.13 -36.00
N LYS A 53 58.50 19.81 -34.88
CA LYS A 53 59.71 20.61 -34.76
C LYS A 53 60.93 19.71 -34.81
N LYS A 54 60.77 18.48 -34.33
CA LYS A 54 61.87 17.53 -34.30
C LYS A 54 62.34 17.18 -35.72
N VAL A 55 61.44 17.30 -36.69
CA VAL A 55 61.81 17.00 -38.08
C VAL A 55 62.04 18.27 -38.88
N GLY A 56 62.10 19.40 -38.19
CA GLY A 56 62.33 20.68 -38.85
C GLY A 56 61.13 21.23 -39.58
N GLY A 57 59.93 20.80 -39.18
CA GLY A 57 58.73 21.26 -39.82
C GLY A 57 58.15 22.54 -39.24
N GLU A 58 57.17 23.10 -39.94
CA GLU A 58 56.52 24.32 -39.50
C GLU A 58 55.03 24.02 -39.33
N ALA A 59 54.48 24.36 -38.18
CA ALA A 59 53.08 24.09 -37.92
C ALA A 59 52.49 24.95 -36.80
N ILE A 60 51.18 24.99 -36.75
CA ILE A 60 50.46 25.72 -35.72
C ILE A 60 49.30 24.83 -35.29
N ALA A 61 48.77 25.06 -34.09
CA ALA A 61 47.66 24.28 -33.58
C ALA A 61 46.48 25.21 -33.41
N VAL A 62 45.31 24.79 -33.92
CA VAL A 62 44.11 25.59 -33.82
C VAL A 62 42.97 24.81 -33.17
N LYS A 63 42.37 25.42 -32.15
CA LYS A 63 41.27 24.78 -31.43
C LYS A 63 40.02 24.81 -32.31
N GLY A 64 39.25 23.72 -32.28
CA GLY A 64 38.04 23.68 -33.09
C GLY A 64 37.28 22.38 -32.99
N ASP A 65 35.97 22.49 -32.77
CA ASP A 65 35.06 21.35 -32.67
C ASP A 65 34.42 21.27 -34.05
N VAL A 66 34.60 20.15 -34.75
CA VAL A 66 34.05 20.03 -36.10
C VAL A 66 32.52 20.00 -36.18
N THR A 67 31.84 19.94 -35.04
CA THR A 67 30.37 19.94 -35.05
C THR A 67 29.85 21.37 -34.90
N VAL A 68 30.77 22.31 -34.75
CA VAL A 68 30.42 23.72 -34.62
C VAL A 68 30.85 24.42 -35.91
N GLU A 69 29.87 24.86 -36.69
CA GLU A 69 30.13 25.52 -37.95
C GLU A 69 31.16 26.65 -37.90
N SER A 70 30.99 27.58 -36.96
CA SER A 70 31.93 28.69 -36.85
C SER A 70 33.36 28.23 -36.57
N ASP A 71 33.50 27.10 -35.89
CA ASP A 71 34.82 26.55 -35.57
C ASP A 71 35.51 26.03 -36.84
N VAL A 72 34.73 25.39 -37.71
CA VAL A 72 35.28 24.86 -38.95
C VAL A 72 35.68 26.01 -39.86
N ILE A 73 34.83 27.03 -39.94
CA ILE A 73 35.12 28.19 -40.76
C ILE A 73 36.40 28.84 -40.27
N ASN A 74 36.51 29.01 -38.95
CA ASN A 74 37.71 29.62 -38.37
C ASN A 74 38.96 28.79 -38.61
N LEU A 75 38.82 27.47 -38.59
CA LEU A 75 39.95 26.58 -38.80
C LEU A 75 40.56 26.82 -40.17
N VAL A 76 39.71 26.89 -41.20
CA VAL A 76 40.20 27.13 -42.56
C VAL A 76 40.79 28.53 -42.68
N GLN A 77 40.11 29.53 -42.12
CA GLN A 77 40.60 30.90 -42.19
C GLN A 77 41.93 31.06 -41.47
N SER A 78 42.11 30.33 -40.38
CA SER A 78 43.35 30.41 -39.61
C SER A 78 44.54 29.95 -40.44
N ALA A 79 44.33 28.93 -41.27
CA ALA A 79 45.41 28.41 -42.12
C ALA A 79 45.81 29.47 -43.13
N ILE A 80 44.82 30.10 -43.74
CA ILE A 80 45.05 31.13 -44.75
C ILE A 80 45.73 32.35 -44.14
N LYS A 81 45.32 32.73 -42.93
CA LYS A 81 45.87 33.89 -42.26
C LYS A 81 47.32 33.66 -41.84
N GLU A 82 47.62 32.46 -41.37
CA GLU A 82 48.96 32.12 -40.90
C GLU A 82 49.94 31.81 -42.03
N PHE A 83 49.51 30.98 -42.99
CA PHE A 83 50.39 30.59 -44.08
C PHE A 83 50.08 31.21 -45.44
N GLY A 84 49.02 32.01 -45.51
CA GLY A 84 48.66 32.68 -46.75
C GLY A 84 47.86 31.91 -47.78
N LYS A 85 47.66 30.63 -47.56
CA LYS A 85 46.91 29.81 -48.50
C LYS A 85 46.51 28.47 -47.89
N LEU A 86 45.76 27.69 -48.65
CA LEU A 86 45.32 26.36 -48.24
C LEU A 86 45.44 25.47 -49.48
N ASP A 87 46.05 24.30 -49.33
CA ASP A 87 46.21 23.40 -50.47
C ASP A 87 45.55 22.06 -50.28
N VAL A 88 45.62 21.53 -49.06
CA VAL A 88 45.05 20.23 -48.76
C VAL A 88 44.22 20.27 -47.49
N MET A 89 42.99 19.76 -47.58
CA MET A 89 42.09 19.71 -46.44
C MET A 89 41.84 18.23 -46.14
N ILE A 90 42.13 17.83 -44.91
CA ILE A 90 41.93 16.43 -44.52
C ILE A 90 40.96 16.36 -43.36
N ASN A 91 39.77 15.81 -43.61
CA ASN A 91 38.75 15.65 -42.58
C ASN A 91 38.97 14.29 -41.96
N ASN A 92 39.56 14.30 -40.77
CA ASN A 92 39.91 13.08 -40.08
C ASN A 92 39.22 12.83 -38.73
N ALA A 93 38.72 13.89 -38.10
CA ALA A 93 38.04 13.74 -36.81
C ALA A 93 36.90 12.72 -36.87
N GLY A 94 36.72 11.95 -35.80
CA GLY A 94 35.66 10.97 -35.79
C GLY A 94 35.53 10.28 -34.45
N LEU A 95 34.41 9.61 -34.23
CA LEU A 95 34.18 8.89 -32.99
C LEU A 95 33.27 7.71 -33.24
N GLU A 96 33.24 6.79 -32.29
CA GLU A 96 32.42 5.60 -32.41
C GLU A 96 32.18 5.03 -31.02
N ASN A 97 31.07 4.31 -30.86
CA ASN A 97 30.73 3.65 -29.60
C ASN A 97 29.75 2.55 -29.95
N PRO A 98 29.90 1.37 -29.33
CA PRO A 98 29.01 0.23 -29.59
C PRO A 98 27.68 0.22 -28.83
N VAL A 99 26.60 -0.03 -29.57
CA VAL A 99 25.25 -0.12 -29.00
C VAL A 99 24.38 -0.92 -29.95
N SER A 100 23.63 -1.90 -29.44
CA SER A 100 22.75 -2.67 -30.32
C SER A 100 21.85 -1.65 -31.00
N SER A 101 21.66 -1.80 -32.30
CA SER A 101 20.86 -0.86 -33.07
C SER A 101 19.48 -0.56 -32.54
N HIS A 102 18.74 -1.59 -32.14
CA HIS A 102 17.38 -1.35 -31.65
C HIS A 102 17.35 -0.69 -30.28
N GLU A 103 18.52 -0.55 -29.65
CA GLU A 103 18.64 0.09 -28.34
C GLU A 103 19.40 1.41 -28.40
N MET A 104 19.83 1.80 -29.59
CA MET A 104 20.59 3.03 -29.74
C MET A 104 19.73 4.28 -29.62
N SER A 105 20.17 5.20 -28.75
CA SER A 105 19.44 6.45 -28.55
C SER A 105 19.68 7.41 -29.71
N LEU A 106 18.73 8.33 -29.90
CA LEU A 106 18.86 9.32 -30.97
C LEU A 106 20.09 10.17 -30.68
N SER A 107 20.35 10.39 -29.40
CA SER A 107 21.51 11.18 -28.98
C SER A 107 22.82 10.59 -29.47
N ASP A 108 23.01 9.28 -29.27
CA ASP A 108 24.23 8.62 -29.71
C ASP A 108 24.33 8.62 -31.23
N TRP A 109 23.20 8.36 -31.88
CA TRP A 109 23.17 8.35 -33.33
C TRP A 109 23.59 9.71 -33.88
N ASN A 110 22.98 10.78 -33.36
CA ASN A 110 23.30 12.13 -33.83
C ASN A 110 24.75 12.53 -33.56
N LYS A 111 25.30 12.16 -32.42
CA LYS A 111 26.67 12.53 -32.09
C LYS A 111 27.64 12.01 -33.14
N VAL A 112 27.45 10.74 -33.54
CA VAL A 112 28.32 10.14 -34.54
C VAL A 112 28.07 10.71 -35.94
N ILE A 113 26.80 10.90 -36.30
CA ILE A 113 26.49 11.45 -37.62
C ILE A 113 27.02 12.89 -37.70
N ASP A 114 26.78 13.68 -36.66
CA ASP A 114 27.23 15.06 -36.64
C ASP A 114 28.75 15.20 -36.77
N THR A 115 29.48 14.36 -36.04
CA THR A 115 30.93 14.43 -36.08
C THR A 115 31.58 13.81 -37.31
N ASN A 116 31.22 12.57 -37.59
CA ASN A 116 31.79 11.80 -38.70
C ASN A 116 31.37 12.21 -40.10
N LEU A 117 30.11 12.57 -40.26
CA LEU A 117 29.61 12.94 -41.57
C LEU A 117 29.46 14.44 -41.77
N THR A 118 28.63 15.06 -40.95
CA THR A 118 28.41 16.50 -41.08
C THR A 118 29.70 17.29 -40.87
N GLY A 119 30.53 16.85 -39.94
CA GLY A 119 31.78 17.54 -39.70
C GLY A 119 32.64 17.52 -40.94
N ALA A 120 32.67 16.39 -41.64
CA ALA A 120 33.45 16.25 -42.85
C ALA A 120 32.85 17.10 -43.96
N PHE A 121 31.52 17.20 -43.98
CA PHE A 121 30.86 18.02 -44.98
C PHE A 121 31.26 19.48 -44.80
N LEU A 122 31.21 19.96 -43.55
CA LEU A 122 31.56 21.34 -43.26
C LEU A 122 33.00 21.64 -43.67
N GLY A 123 33.91 20.73 -43.32
CA GLY A 123 35.31 20.91 -43.66
C GLY A 123 35.51 20.93 -45.17
N SER A 124 34.84 20.01 -45.85
CA SER A 124 34.93 19.94 -47.30
C SER A 124 34.35 21.19 -47.93
N ARG A 125 33.18 21.61 -47.44
CA ARG A 125 32.52 22.80 -47.97
C ARG A 125 33.41 24.03 -47.88
N GLU A 126 33.96 24.28 -46.69
CA GLU A 126 34.80 25.45 -46.50
C GLU A 126 36.09 25.43 -47.33
N ALA A 127 36.70 24.27 -47.46
CA ALA A 127 37.93 24.17 -48.26
C ALA A 127 37.62 24.40 -49.73
N ILE A 128 36.56 23.76 -50.23
CA ILE A 128 36.18 23.90 -51.62
C ILE A 128 35.73 25.32 -51.94
N LYS A 129 35.01 25.94 -51.02
CA LYS A 129 34.54 27.30 -51.22
C LYS A 129 35.76 28.18 -51.48
N TYR A 130 36.80 27.98 -50.67
CA TYR A 130 38.04 28.73 -50.81
C TYR A 130 38.73 28.42 -52.15
N PHE A 131 38.82 27.13 -52.48
CA PHE A 131 39.45 26.70 -53.73
C PHE A 131 38.76 27.33 -54.95
N VAL A 132 37.43 27.31 -54.94
CA VAL A 132 36.64 27.84 -56.04
C VAL A 132 36.75 29.37 -56.18
N GLU A 133 36.69 30.08 -55.06
CA GLU A 133 36.77 31.53 -55.09
C GLU A 133 38.16 32.06 -55.43
N ASN A 134 39.18 31.21 -55.30
CA ASN A 134 40.55 31.63 -55.58
C ASN A 134 41.23 30.84 -56.70
N ASP A 135 40.43 30.10 -57.47
CA ASP A 135 40.94 29.31 -58.58
C ASP A 135 42.15 28.46 -58.21
N ILE A 136 42.05 27.75 -57.09
CA ILE A 136 43.12 26.88 -56.63
C ILE A 136 42.73 25.44 -56.87
N LYS A 137 43.63 24.67 -57.47
CA LYS A 137 43.36 23.25 -57.72
C LYS A 137 43.78 22.47 -56.49
N GLY A 138 43.04 22.67 -55.40
CA GLY A 138 43.34 22.00 -54.16
C GLY A 138 42.77 20.60 -54.09
N THR A 139 42.96 19.95 -52.95
CA THR A 139 42.43 18.61 -52.79
C THR A 139 41.87 18.42 -51.40
N VAL A 140 40.86 17.58 -51.31
CA VAL A 140 40.23 17.26 -50.05
C VAL A 140 40.36 15.76 -49.88
N ILE A 141 40.82 15.34 -48.70
CA ILE A 141 40.96 13.93 -48.42
C ILE A 141 40.10 13.66 -47.20
N ASN A 142 39.16 12.74 -47.33
CA ASN A 142 38.27 12.41 -46.23
C ASN A 142 38.62 11.05 -45.65
N MET A 143 38.77 11.00 -44.33
CA MET A 143 39.13 9.76 -43.67
C MET A 143 37.88 8.92 -43.44
N SER A 144 37.77 7.85 -44.21
CA SER A 144 36.63 6.96 -44.11
C SER A 144 37.00 5.72 -43.30
N SER A 145 36.59 4.55 -43.78
CA SER A 145 36.84 3.31 -43.07
C SER A 145 36.44 2.14 -43.96
N VAL A 146 36.90 0.94 -43.63
CA VAL A 146 36.48 -0.21 -44.41
C VAL A 146 34.97 -0.30 -44.22
N HIS A 147 34.45 0.36 -43.17
CA HIS A 147 33.03 0.31 -42.91
C HIS A 147 32.13 1.23 -43.73
N GLU A 148 32.66 1.74 -44.84
CA GLU A 148 31.83 2.52 -45.74
C GLU A 148 31.38 1.45 -46.73
N LYS A 149 31.94 0.25 -46.55
CA LYS A 149 31.64 -0.91 -47.38
C LYS A 149 31.21 -2.13 -46.54
N ILE A 150 31.95 -2.38 -45.47
CA ILE A 150 31.65 -3.51 -44.59
C ILE A 150 30.64 -3.09 -43.52
N PRO A 151 29.47 -3.76 -43.46
CA PRO A 151 28.44 -3.42 -42.47
C PRO A 151 29.03 -3.58 -41.07
N TRP A 152 28.47 -2.90 -40.08
CA TRP A 152 29.04 -3.01 -38.75
C TRP A 152 28.02 -3.04 -37.61
N PRO A 153 27.50 -4.24 -37.30
CA PRO A 153 26.52 -4.39 -36.22
C PRO A 153 27.10 -3.77 -34.95
N LEU A 154 26.24 -3.09 -34.17
CA LEU A 154 26.63 -2.40 -32.94
C LEU A 154 27.18 -1.01 -33.23
N PHE A 155 27.47 -0.74 -34.50
CA PHE A 155 27.99 0.56 -34.91
C PHE A 155 27.23 1.04 -36.14
N VAL A 156 25.91 0.91 -36.11
CA VAL A 156 25.10 1.31 -37.25
C VAL A 156 25.25 2.80 -37.57
N HIS A 157 25.45 3.62 -36.53
CA HIS A 157 25.63 5.05 -36.76
C HIS A 157 26.96 5.33 -37.47
N TYR A 158 28.00 4.60 -37.07
CA TYR A 158 29.31 4.77 -37.69
C TYR A 158 29.26 4.32 -39.15
N ALA A 159 28.70 3.15 -39.39
CA ALA A 159 28.60 2.62 -40.74
C ALA A 159 27.82 3.60 -41.62
N ALA A 160 26.69 4.08 -41.12
CA ALA A 160 25.88 5.03 -41.88
C ALA A 160 26.68 6.30 -42.16
N SER A 161 27.45 6.77 -41.18
CA SER A 161 28.22 8.00 -41.38
C SER A 161 29.28 7.84 -42.46
N LYS A 162 29.91 6.68 -42.54
CA LYS A 162 30.95 6.47 -43.55
C LYS A 162 30.34 6.13 -44.92
N GLY A 163 29.21 5.44 -44.92
CA GLY A 163 28.56 5.14 -46.19
C GLY A 163 28.12 6.48 -46.78
N GLY A 164 27.70 7.38 -45.90
CA GLY A 164 27.29 8.70 -46.33
C GLY A 164 28.49 9.48 -46.83
N MET A 165 29.63 9.34 -46.14
CA MET A 165 30.86 10.03 -46.53
C MET A 165 31.30 9.61 -47.92
N LYS A 166 31.12 8.33 -48.24
CA LYS A 166 31.50 7.82 -49.55
C LYS A 166 30.74 8.57 -50.65
N LEU A 167 29.42 8.65 -50.53
CA LEU A 167 28.64 9.33 -51.55
C LEU A 167 28.89 10.84 -51.55
N MET A 168 29.21 11.39 -50.38
CA MET A 168 29.50 12.82 -50.31
C MET A 168 30.78 13.06 -51.12
N THR A 169 31.81 12.28 -50.84
CA THR A 169 33.08 12.41 -51.56
C THR A 169 32.93 12.22 -53.06
N GLU A 170 32.22 11.19 -53.48
CA GLU A 170 32.05 10.94 -54.91
C GLU A 170 31.27 12.08 -55.57
N THR A 171 30.30 12.63 -54.85
CA THR A 171 29.52 13.74 -55.38
C THR A 171 30.38 14.99 -55.53
N LEU A 172 31.15 15.31 -54.50
CA LEU A 172 32.02 16.48 -54.55
C LEU A 172 33.08 16.28 -55.64
N ALA A 173 33.58 15.06 -55.78
CA ALA A 173 34.60 14.79 -56.80
C ALA A 173 34.05 15.06 -58.20
N LEU A 174 32.82 14.61 -58.45
CA LEU A 174 32.20 14.82 -59.76
C LEU A 174 31.87 16.29 -59.97
N GLU A 175 31.31 16.91 -58.94
CA GLU A 175 30.90 18.30 -59.00
C GLU A 175 32.03 19.29 -59.23
N TYR A 176 33.20 19.05 -58.65
CA TYR A 176 34.31 19.97 -58.81
C TYR A 176 35.49 19.50 -59.66
N ALA A 177 35.34 18.35 -60.29
CA ALA A 177 36.39 17.83 -61.15
C ALA A 177 36.77 18.82 -62.25
N PRO A 178 35.78 19.50 -62.86
CA PRO A 178 36.09 20.47 -63.92
C PRO A 178 37.03 21.58 -63.47
N LYS A 179 37.06 21.85 -62.16
CA LYS A 179 37.90 22.90 -61.61
C LYS A 179 39.24 22.39 -61.11
N GLY A 180 39.51 21.11 -61.35
CA GLY A 180 40.78 20.53 -60.96
C GLY A 180 40.90 20.21 -59.48
N ILE A 181 39.78 20.20 -58.78
CA ILE A 181 39.78 19.91 -57.34
C ILE A 181 39.52 18.42 -57.17
N ARG A 182 40.48 17.71 -56.58
CA ARG A 182 40.33 16.28 -56.36
C ARG A 182 39.81 16.00 -54.95
N VAL A 183 38.90 15.03 -54.83
CA VAL A 183 38.34 14.67 -53.54
C VAL A 183 38.39 13.15 -53.46
N ASN A 184 39.08 12.62 -52.45
CA ASN A 184 39.22 11.19 -52.31
C ASN A 184 39.05 10.73 -50.86
N ASN A 185 38.73 9.46 -50.69
CA ASN A 185 38.57 8.85 -49.37
C ASN A 185 39.70 7.88 -49.12
N ILE A 186 40.10 7.74 -47.87
CA ILE A 186 41.09 6.74 -47.48
C ILE A 186 40.25 5.82 -46.60
N GLY A 187 40.35 4.51 -46.82
CA GLY A 187 39.57 3.57 -46.03
C GLY A 187 40.44 2.63 -45.23
N PRO A 188 40.84 3.04 -44.01
CA PRO A 188 41.70 2.19 -43.17
C PRO A 188 40.95 1.00 -42.59
N GLY A 189 41.70 -0.08 -42.39
CA GLY A 189 41.15 -1.28 -41.77
C GLY A 189 41.45 -1.10 -40.29
N ALA A 190 41.93 -2.15 -39.63
CA ALA A 190 42.27 -2.05 -38.20
C ALA A 190 43.67 -1.47 -38.06
N ILE A 191 43.77 -0.31 -37.44
CA ILE A 191 45.07 0.36 -37.26
C ILE A 191 45.40 0.58 -35.79
N ASN A 192 46.68 0.46 -35.47
CA ASN A 192 47.15 0.64 -34.11
C ASN A 192 47.16 2.10 -33.66
N THR A 193 46.05 2.55 -33.09
CA THR A 193 45.91 3.92 -32.59
C THR A 193 45.27 3.86 -31.20
N PRO A 194 45.17 5.01 -30.51
CA PRO A 194 44.58 5.02 -29.17
C PRO A 194 43.11 4.58 -29.13
N ILE A 195 42.42 4.74 -30.25
CA ILE A 195 41.01 4.36 -30.33
C ILE A 195 40.85 2.84 -30.16
N ASN A 196 41.94 2.10 -30.33
CA ASN A 196 41.91 0.64 -30.21
C ASN A 196 42.95 0.11 -29.22
N ALA A 197 43.57 1.02 -28.46
CA ALA A 197 44.60 0.65 -27.50
C ALA A 197 44.15 -0.45 -26.52
N GLU A 198 43.05 -0.20 -25.82
CA GLU A 198 42.51 -1.15 -24.85
C GLU A 198 42.08 -2.45 -25.51
N LYS A 199 41.41 -2.34 -26.65
CA LYS A 199 40.92 -3.50 -27.39
C LYS A 199 42.08 -4.42 -27.79
N PHE A 200 43.16 -3.83 -28.29
CA PHE A 200 44.32 -4.60 -28.73
C PHE A 200 45.23 -5.00 -27.58
N ALA A 201 44.98 -4.45 -26.40
CA ALA A 201 45.78 -4.77 -25.22
C ALA A 201 45.46 -6.20 -24.83
N ASP A 202 44.18 -6.55 -24.86
CA ASP A 202 43.73 -7.89 -24.52
C ASP A 202 44.17 -8.87 -25.60
N PRO A 203 44.98 -9.88 -25.22
CA PRO A 203 45.48 -10.88 -26.17
C PRO A 203 44.39 -11.64 -26.92
N GLU A 204 43.25 -11.85 -26.27
CA GLU A 204 42.15 -12.56 -26.92
C GLU A 204 41.50 -11.70 -27.99
N GLN A 205 41.33 -10.41 -27.69
CA GLN A 205 40.71 -9.51 -28.66
C GLN A 205 41.63 -9.24 -29.83
N ARG A 206 42.92 -9.05 -29.55
CA ARG A 206 43.87 -8.80 -30.63
C ARG A 206 43.88 -9.97 -31.60
N ALA A 207 43.95 -11.18 -31.07
CA ALA A 207 43.96 -12.37 -31.90
C ALA A 207 42.68 -12.44 -32.71
N ASP A 208 41.57 -12.00 -32.13
CA ASP A 208 40.29 -12.03 -32.82
C ASP A 208 40.33 -11.08 -34.01
N VAL A 209 40.83 -9.87 -33.79
CA VAL A 209 40.92 -8.88 -34.87
C VAL A 209 41.88 -9.33 -35.95
N GLU A 210 43.03 -9.87 -35.55
CA GLU A 210 44.03 -10.31 -36.51
C GLU A 210 43.48 -11.44 -37.39
N SER A 211 42.55 -12.23 -36.87
CA SER A 211 41.97 -13.32 -37.63
C SER A 211 41.07 -12.81 -38.76
N MET A 212 40.71 -11.53 -38.68
CA MET A 212 39.85 -10.91 -39.68
C MET A 212 40.67 -10.14 -40.71
N ILE A 213 41.98 -10.18 -40.55
CA ILE A 213 42.88 -9.47 -41.46
C ILE A 213 43.70 -10.49 -42.25
N PRO A 214 43.41 -10.65 -43.56
CA PRO A 214 44.14 -11.60 -44.39
C PRO A 214 45.66 -11.51 -44.29
N MET A 215 46.20 -10.29 -44.28
CA MET A 215 47.65 -10.13 -44.19
C MET A 215 48.18 -10.54 -42.82
N GLY A 216 47.29 -10.74 -41.87
CA GLY A 216 47.67 -11.21 -40.55
C GLY A 216 48.21 -10.24 -39.52
N TYR A 217 48.20 -8.95 -39.80
CA TYR A 217 48.71 -7.99 -38.82
C TYR A 217 47.92 -6.68 -38.82
N ILE A 218 47.87 -6.06 -37.66
CA ILE A 218 47.18 -4.79 -37.48
C ILE A 218 48.12 -3.72 -38.03
N GLY A 219 47.61 -2.87 -38.92
CA GLY A 219 48.44 -1.85 -39.51
C GLY A 219 48.92 -0.76 -38.57
N GLU A 220 49.98 -0.08 -38.97
CA GLU A 220 50.54 1.02 -38.18
C GLU A 220 50.07 2.34 -38.80
N PRO A 221 49.96 3.39 -37.98
CA PRO A 221 49.52 4.69 -38.48
C PRO A 221 50.31 5.20 -39.67
N GLU A 222 51.61 4.92 -39.68
CA GLU A 222 52.48 5.36 -40.78
C GLU A 222 52.05 4.79 -42.12
N GLU A 223 51.46 3.61 -42.11
CA GLU A 223 51.01 2.97 -43.34
C GLU A 223 49.81 3.69 -43.93
N ILE A 224 49.07 4.41 -43.09
CA ILE A 224 47.93 5.18 -43.56
C ILE A 224 48.42 6.56 -43.97
N ALA A 225 49.37 7.10 -43.21
CA ALA A 225 49.93 8.41 -43.53
C ALA A 225 50.58 8.38 -44.91
N ALA A 226 51.13 7.22 -45.27
CA ALA A 226 51.77 7.05 -46.57
C ALA A 226 50.74 7.23 -47.67
N VAL A 227 49.54 6.71 -47.44
CA VAL A 227 48.47 6.82 -48.43
C VAL A 227 48.04 8.27 -48.60
N ALA A 228 47.90 8.98 -47.48
CA ALA A 228 47.48 10.37 -47.51
C ALA A 228 48.49 11.24 -48.25
N ALA A 229 49.78 11.00 -48.01
CA ALA A 229 50.83 11.77 -48.67
C ALA A 229 50.79 11.57 -50.17
N TRP A 230 50.62 10.32 -50.61
CA TRP A 230 50.57 10.03 -52.04
C TRP A 230 49.34 10.68 -52.70
N LEU A 231 48.17 10.52 -52.10
CA LEU A 231 46.94 11.09 -52.66
C LEU A 231 47.00 12.61 -52.77
N ALA A 232 47.73 13.25 -51.87
CA ALA A 232 47.83 14.70 -51.89
C ALA A 232 48.84 15.19 -52.94
N SER A 233 49.74 14.30 -53.33
CA SER A 233 50.78 14.64 -54.31
C SER A 233 50.30 14.64 -55.75
N SER A 234 51.12 15.23 -56.61
CA SER A 234 50.83 15.30 -58.03
C SER A 234 50.99 13.94 -58.71
N GLU A 235 51.52 12.96 -57.98
CA GLU A 235 51.67 11.61 -58.52
C GLU A 235 50.27 11.04 -58.76
N ALA A 236 49.32 11.48 -57.95
CA ALA A 236 47.94 11.02 -58.06
C ALA A 236 47.08 12.05 -58.79
N SER A 237 47.70 12.75 -59.74
CA SER A 237 47.03 13.79 -60.50
C SER A 237 45.74 13.41 -61.22
N TYR A 238 45.62 12.16 -61.64
CA TYR A 238 44.43 11.73 -62.38
C TYR A 238 43.48 10.88 -61.52
N VAL A 239 43.69 10.94 -60.21
CA VAL A 239 42.87 10.16 -59.28
C VAL A 239 41.90 11.02 -58.49
N THR A 240 40.61 10.76 -58.65
CA THR A 240 39.61 11.51 -57.89
C THR A 240 38.33 10.70 -57.71
N GLY A 241 37.66 10.91 -56.58
CA GLY A 241 36.41 10.23 -56.29
C GLY A 241 36.52 8.81 -55.80
N ILE A 242 37.73 8.32 -55.57
CA ILE A 242 37.89 6.94 -55.14
C ILE A 242 38.02 6.80 -53.63
N THR A 243 37.96 5.55 -53.18
CA THR A 243 38.19 5.23 -51.79
C THR A 243 39.35 4.27 -51.90
N LEU A 244 40.48 4.66 -51.34
CA LEU A 244 41.66 3.80 -51.37
C LEU A 244 41.69 3.06 -50.04
N PHE A 245 41.35 1.77 -50.09
CA PHE A 245 41.36 0.96 -48.89
C PHE A 245 42.77 0.49 -48.58
N ALA A 246 43.17 0.65 -47.33
CA ALA A 246 44.48 0.21 -46.84
C ALA A 246 44.02 -0.59 -45.64
N ASP A 247 43.71 -1.86 -45.87
CA ASP A 247 43.15 -2.70 -44.83
C ASP A 247 43.71 -4.11 -44.70
N GLY A 248 44.85 -4.38 -45.32
CA GLY A 248 45.42 -5.72 -45.22
C GLY A 248 44.52 -6.80 -45.79
N GLY A 249 43.56 -6.40 -46.62
CA GLY A 249 42.64 -7.36 -47.23
C GLY A 249 41.31 -7.57 -46.55
N MET A 250 41.01 -6.78 -45.53
CA MET A 250 39.76 -6.92 -44.78
C MET A 250 38.50 -6.90 -45.66
N THR A 251 38.46 -6.01 -46.65
CA THR A 251 37.27 -5.92 -47.51
C THR A 251 37.12 -7.08 -48.49
N GLN A 252 38.07 -8.02 -48.48
CA GLN A 252 38.00 -9.16 -49.39
C GLN A 252 37.28 -10.38 -48.82
N TYR A 253 36.51 -10.19 -47.75
CA TYR A 253 35.75 -11.26 -47.09
C TYR A 253 36.64 -12.32 -46.47
N PRO A 254 37.26 -12.01 -45.33
CA PRO A 254 38.16 -12.94 -44.63
C PRO A 254 37.61 -14.31 -44.27
N SER A 255 36.30 -14.44 -44.09
CA SER A 255 35.72 -15.73 -43.74
C SER A 255 35.78 -16.76 -44.86
N PHE A 256 36.06 -16.30 -46.10
CA PHE A 256 36.10 -17.23 -47.22
C PHE A 256 37.48 -17.77 -47.60
N GLN A 257 38.46 -17.59 -46.72
CA GLN A 257 39.77 -18.13 -47.01
C GLN A 257 39.71 -19.65 -46.97
N ALA A 258 40.62 -20.30 -47.70
CA ALA A 258 40.68 -21.76 -47.75
C ALA A 258 39.48 -22.37 -48.49
N GLY A 259 38.87 -21.60 -49.38
CA GLY A 259 37.74 -22.09 -50.14
C GLY A 259 36.54 -22.55 -49.32
N ARG A 260 36.25 -21.85 -48.24
CA ARG A 260 35.12 -22.21 -47.39
C ARG A 260 33.80 -21.80 -48.05
N GLY A 261 32.69 -22.31 -47.52
CA GLY A 261 31.39 -22.00 -48.05
C GLY A 261 30.99 -22.87 -49.22
N MET B 1 -2.01 -11.32 -55.33
CA MET B 1 -0.89 -12.06 -55.96
C MET B 1 -0.10 -12.87 -54.95
N TYR B 2 0.22 -12.24 -53.81
CA TYR B 2 0.98 -12.91 -52.77
C TYR B 2 0.07 -13.25 -51.60
N LYS B 3 -0.38 -14.50 -51.56
CA LYS B 3 -1.29 -14.97 -50.52
C LYS B 3 -0.82 -14.75 -49.09
N ASP B 4 0.49 -14.79 -48.88
CA ASP B 4 1.03 -14.61 -47.53
C ASP B 4 0.90 -13.19 -47.00
N LEU B 5 0.61 -12.23 -47.87
CA LEU B 5 0.48 -10.85 -47.43
C LEU B 5 -0.90 -10.55 -46.83
N GLU B 6 -1.85 -11.44 -47.05
CA GLU B 6 -3.19 -11.23 -46.50
C GLU B 6 -3.14 -11.16 -44.98
N GLY B 7 -3.68 -10.09 -44.42
CA GLY B 7 -3.71 -9.94 -42.98
C GLY B 7 -2.46 -9.34 -42.37
N LYS B 8 -1.41 -9.17 -43.16
CA LYS B 8 -0.17 -8.58 -42.65
C LYS B 8 -0.41 -7.09 -42.44
N VAL B 9 0.22 -6.53 -41.40
CA VAL B 9 0.07 -5.11 -41.10
C VAL B 9 1.29 -4.37 -41.64
N VAL B 10 1.03 -3.41 -42.52
CA VAL B 10 2.08 -2.64 -43.16
C VAL B 10 2.00 -1.15 -42.83
N VAL B 11 3.11 -0.59 -42.36
CA VAL B 11 3.18 0.84 -42.04
C VAL B 11 4.09 1.48 -43.08
N ILE B 12 3.63 2.57 -43.69
CA ILE B 12 4.43 3.26 -44.70
C ILE B 12 4.53 4.75 -44.39
N THR B 13 5.73 5.26 -44.18
CA THR B 13 5.86 6.68 -43.88
C THR B 13 5.75 7.49 -45.16
N GLY B 14 5.26 8.73 -45.04
CA GLY B 14 5.09 9.58 -46.21
C GLY B 14 4.28 8.91 -47.30
N SER B 15 3.16 8.30 -46.92
CA SER B 15 2.34 7.58 -47.88
C SER B 15 1.06 8.25 -48.35
N SER B 16 0.96 9.57 -48.19
CA SER B 16 -0.23 10.27 -48.65
C SER B 16 -0.07 10.69 -50.11
N THR B 17 1.15 10.56 -50.63
CA THR B 17 1.45 10.92 -52.01
C THR B 17 2.52 10.01 -52.63
N GLY B 18 2.71 10.20 -53.93
CA GLY B 18 3.72 9.47 -54.69
C GLY B 18 3.88 7.97 -54.50
N LEU B 19 5.14 7.54 -54.38
CA LEU B 19 5.45 6.13 -54.22
C LEU B 19 4.79 5.52 -52.99
N GLY B 20 4.75 6.29 -51.90
CA GLY B 20 4.14 5.81 -50.67
C GLY B 20 2.68 5.47 -50.88
N LYS B 21 1.98 6.36 -51.58
CA LYS B 21 0.57 6.17 -51.88
C LYS B 21 0.38 4.93 -52.75
N SER B 22 1.20 4.79 -53.79
CA SER B 22 1.10 3.64 -54.67
C SER B 22 1.34 2.33 -53.93
N MET B 23 2.30 2.33 -53.01
CA MET B 23 2.57 1.13 -52.25
C MET B 23 1.42 0.82 -51.31
N ALA B 24 0.83 1.85 -50.72
CA ALA B 24 -0.29 1.66 -49.81
C ALA B 24 -1.44 0.97 -50.55
N ILE B 25 -1.73 1.44 -51.75
CA ILE B 25 -2.79 0.87 -52.56
C ILE B 25 -2.47 -0.56 -52.99
N ARG B 26 -1.22 -0.81 -53.38
CA ARG B 26 -0.82 -2.15 -53.79
C ARG B 26 -0.96 -3.13 -52.64
N PHE B 27 -0.47 -2.76 -51.45
CA PHE B 27 -0.58 -3.66 -50.32
C PHE B 27 -2.03 -3.91 -49.94
N ALA B 28 -2.88 -2.89 -50.11
CA ALA B 28 -4.30 -3.04 -49.80
C ALA B 28 -4.89 -4.07 -50.75
N THR B 29 -4.45 -4.04 -52.00
CA THR B 29 -4.93 -4.97 -53.00
C THR B 29 -4.48 -6.39 -52.67
N GLU B 30 -3.36 -6.50 -51.94
CA GLU B 30 -2.85 -7.81 -51.54
C GLU B 30 -3.52 -8.24 -50.24
N LYS B 31 -4.53 -7.46 -49.83
CA LYS B 31 -5.31 -7.72 -48.62
C LYS B 31 -4.56 -7.53 -47.30
N ALA B 32 -3.53 -6.70 -47.33
CA ALA B 32 -2.78 -6.40 -46.12
C ALA B 32 -3.49 -5.22 -45.46
N LYS B 33 -3.28 -5.04 -44.16
CA LYS B 33 -3.87 -3.92 -43.44
C LYS B 33 -2.81 -2.82 -43.49
N VAL B 34 -3.20 -1.64 -43.94
CA VAL B 34 -2.25 -0.56 -44.10
C VAL B 34 -2.40 0.64 -43.19
N VAL B 35 -1.26 1.15 -42.73
CA VAL B 35 -1.24 2.33 -41.89
C VAL B 35 -0.59 3.42 -42.73
N VAL B 36 -1.40 4.39 -43.15
CA VAL B 36 -0.92 5.51 -43.96
C VAL B 36 -0.42 6.60 -43.03
N ASN B 37 0.57 7.36 -43.51
CA ASN B 37 1.16 8.43 -42.70
C ASN B 37 1.22 9.73 -43.47
N TYR B 38 0.80 10.81 -42.79
CA TYR B 38 0.83 12.14 -43.38
C TYR B 38 1.53 13.04 -42.36
N ARG B 39 2.17 14.10 -42.84
CA ARG B 39 2.90 15.01 -41.97
C ARG B 39 2.08 16.11 -41.30
N SER B 40 1.31 16.86 -42.08
CA SER B 40 0.52 17.96 -41.52
C SER B 40 -0.98 17.70 -41.39
N LYS B 41 -1.71 17.83 -42.49
CA LYS B 41 -3.16 17.61 -42.46
C LYS B 41 -3.57 16.36 -43.25
N GLU B 42 -4.67 15.76 -42.81
CA GLU B 42 -5.19 14.53 -43.41
C GLU B 42 -5.86 14.59 -44.78
N ASP B 43 -5.90 15.77 -45.40
CA ASP B 43 -6.54 15.90 -46.71
C ASP B 43 -5.97 14.93 -47.75
N GLU B 44 -4.66 15.00 -47.99
CA GLU B 44 -4.02 14.11 -48.96
C GLU B 44 -4.16 12.66 -48.52
N ALA B 45 -4.17 12.45 -47.21
CA ALA B 45 -4.29 11.11 -46.67
C ALA B 45 -5.67 10.52 -46.94
N ASN B 46 -6.70 11.34 -46.86
CA ASN B 46 -8.05 10.83 -47.10
C ASN B 46 -8.24 10.34 -48.53
N SER B 47 -7.49 10.92 -49.47
CA SER B 47 -7.55 10.50 -50.86
C SER B 47 -7.09 9.04 -50.94
N VAL B 48 -5.97 8.75 -50.29
CA VAL B 48 -5.42 7.39 -50.29
C VAL B 48 -6.38 6.44 -49.57
N LEU B 49 -6.97 6.90 -48.46
CA LEU B 49 -7.89 6.05 -47.72
C LEU B 49 -9.11 5.66 -48.57
N GLU B 50 -9.59 6.58 -49.40
CA GLU B 50 -10.74 6.27 -50.24
C GLU B 50 -10.36 5.31 -51.35
N GLU B 51 -9.13 5.42 -51.83
CA GLU B 51 -8.65 4.53 -52.89
C GLU B 51 -8.59 3.13 -52.30
N ILE B 52 -8.15 3.03 -51.04
CA ILE B 52 -8.04 1.75 -50.38
C ILE B 52 -9.41 1.14 -50.08
N LYS B 53 -10.37 1.97 -49.69
CA LYS B 53 -11.71 1.47 -49.41
C LYS B 53 -12.30 0.93 -50.70
N LYS B 54 -12.01 1.61 -51.80
CA LYS B 54 -12.49 1.26 -53.13
C LYS B 54 -12.11 -0.16 -53.53
N VAL B 55 -10.90 -0.60 -53.20
CA VAL B 55 -10.43 -1.94 -53.55
C VAL B 55 -10.82 -2.90 -52.44
N GLY B 56 -11.59 -2.40 -51.48
CA GLY B 56 -12.03 -3.22 -50.38
C GLY B 56 -10.98 -3.43 -49.31
N GLY B 57 -10.02 -2.52 -49.24
CA GLY B 57 -8.96 -2.65 -48.25
C GLY B 57 -9.30 -2.01 -46.92
N GLU B 58 -8.46 -2.28 -45.92
CA GLU B 58 -8.65 -1.75 -44.58
C GLU B 58 -7.42 -0.93 -44.23
N ALA B 59 -7.62 0.32 -43.80
CA ALA B 59 -6.50 1.18 -43.46
C ALA B 59 -6.88 2.33 -42.55
N ILE B 60 -5.86 2.93 -41.95
CA ILE B 60 -6.04 4.09 -41.08
C ILE B 60 -4.93 5.07 -41.43
N ALA B 61 -5.13 6.34 -41.11
CA ALA B 61 -4.12 7.36 -41.39
C ALA B 61 -3.65 7.92 -40.05
N VAL B 62 -2.33 8.01 -39.89
CA VAL B 62 -1.75 8.52 -38.65
C VAL B 62 -0.80 9.68 -38.93
N LYS B 63 -1.00 10.79 -38.23
CA LYS B 63 -0.16 11.96 -38.39
C LYS B 63 1.20 11.69 -37.76
N GLY B 64 2.26 12.17 -38.40
CA GLY B 64 3.58 11.96 -37.84
C GLY B 64 4.71 12.53 -38.70
N ASP B 65 5.61 13.27 -38.05
CA ASP B 65 6.76 13.87 -38.69
C ASP B 65 7.91 12.91 -38.37
N VAL B 66 8.54 12.33 -39.39
CA VAL B 66 9.61 11.37 -39.13
C VAL B 66 10.88 11.94 -38.50
N THR B 67 10.94 13.27 -38.36
CA THR B 67 12.12 13.89 -37.74
C THR B 67 11.87 14.08 -36.25
N VAL B 68 10.66 13.72 -35.80
CA VAL B 68 10.28 13.83 -34.40
C VAL B 68 10.20 12.42 -33.81
N GLU B 69 11.13 12.09 -32.93
CA GLU B 69 11.18 10.76 -32.33
C GLU B 69 9.86 10.26 -31.77
N SER B 70 9.19 11.07 -30.95
CA SER B 70 7.93 10.65 -30.37
C SER B 70 6.86 10.34 -31.42
N ASP B 71 6.95 11.01 -32.57
CA ASP B 71 5.99 10.80 -33.65
C ASP B 71 6.22 9.43 -34.30
N VAL B 72 7.48 9.04 -34.46
CA VAL B 72 7.79 7.75 -35.06
C VAL B 72 7.38 6.64 -34.10
N ILE B 73 7.66 6.82 -32.81
CA ILE B 73 7.29 5.83 -31.82
C ILE B 73 5.77 5.66 -31.83
N ASN B 74 5.05 6.77 -31.86
CA ASN B 74 3.59 6.71 -31.87
C ASN B 74 3.04 6.06 -33.14
N LEU B 75 3.70 6.29 -34.26
CA LEU B 75 3.27 5.70 -35.52
C LEU B 75 3.28 4.18 -35.44
N VAL B 76 4.36 3.62 -34.91
CA VAL B 76 4.47 2.18 -34.78
C VAL B 76 3.46 1.65 -33.76
N GLN B 77 3.33 2.34 -32.63
CA GLN B 77 2.39 1.92 -31.60
C GLN B 77 0.95 1.98 -32.10
N SER B 78 0.65 2.96 -32.94
CA SER B 78 -0.71 3.11 -33.47
C SER B 78 -1.11 1.91 -34.33
N ALA B 79 -0.14 1.36 -35.06
CA ALA B 79 -0.43 0.20 -35.91
C ALA B 79 -0.76 -1.00 -35.04
N ILE B 80 0.02 -1.19 -33.97
CA ILE B 80 -0.16 -2.30 -33.06
C ILE B 80 -1.49 -2.18 -32.31
N LYS B 81 -1.84 -0.95 -31.92
CA LYS B 81 -3.07 -0.72 -31.18
C LYS B 81 -4.29 -0.94 -32.04
N GLU B 82 -4.23 -0.50 -33.29
CA GLU B 82 -5.34 -0.63 -34.21
C GLU B 82 -5.51 -2.02 -34.81
N PHE B 83 -4.41 -2.61 -35.28
CA PHE B 83 -4.47 -3.92 -35.90
C PHE B 83 -3.91 -5.08 -35.09
N GLY B 84 -3.37 -4.77 -33.91
CA GLY B 84 -2.84 -5.80 -33.04
C GLY B 84 -1.43 -6.30 -33.27
N LYS B 85 -0.81 -5.88 -34.38
CA LYS B 85 0.54 -6.32 -34.69
C LYS B 85 1.15 -5.46 -35.79
N LEU B 86 2.42 -5.73 -36.08
CA LEU B 86 3.15 -5.04 -37.13
C LEU B 86 3.97 -6.09 -37.86
N ASP B 87 3.91 -6.10 -39.19
CA ASP B 87 4.65 -7.08 -39.97
C ASP B 87 5.67 -6.48 -40.91
N VAL B 88 5.32 -5.36 -41.52
CA VAL B 88 6.20 -4.70 -42.48
C VAL B 88 6.30 -3.21 -42.21
N MET B 89 7.53 -2.72 -42.12
CA MET B 89 7.77 -1.30 -41.89
C MET B 89 8.46 -0.77 -43.14
N ILE B 90 7.89 0.27 -43.74
CA ILE B 90 8.46 0.85 -44.94
C ILE B 90 8.78 2.32 -44.71
N ASN B 91 10.07 2.65 -44.68
CA ASN B 91 10.51 4.02 -44.48
C ASN B 91 10.63 4.64 -45.85
N ASN B 92 9.66 5.46 -46.19
CA ASN B 92 9.59 6.07 -47.52
C ASN B 92 9.68 7.59 -47.57
N ALA B 93 9.37 8.26 -46.46
CA ALA B 93 9.42 9.73 -46.43
C ALA B 93 10.79 10.26 -46.85
N GLY B 94 10.79 11.37 -47.58
CA GLY B 94 12.04 11.95 -47.99
C GLY B 94 11.86 13.29 -48.68
N LEU B 95 12.95 14.04 -48.82
CA LEU B 95 12.90 15.33 -49.48
C LEU B 95 14.24 15.61 -50.13
N GLU B 96 14.24 16.59 -51.03
CA GLU B 96 15.45 16.95 -51.74
C GLU B 96 15.28 18.37 -52.28
N ASN B 97 16.41 19.06 -52.47
CA ASN B 97 16.41 20.41 -53.02
C ASN B 97 17.82 20.65 -53.56
N PRO B 98 17.93 21.27 -54.74
CA PRO B 98 19.23 21.54 -55.35
C PRO B 98 19.97 22.79 -54.86
N VAL B 99 21.26 22.62 -54.56
CA VAL B 99 22.12 23.71 -54.12
C VAL B 99 23.57 23.31 -54.37
N SER B 100 24.36 24.20 -54.97
CA SER B 100 25.77 23.88 -55.21
C SER B 100 26.35 23.54 -53.85
N SER B 101 27.13 22.46 -53.80
CA SER B 101 27.68 22.00 -52.54
C SER B 101 28.44 23.04 -51.72
N HIS B 102 29.30 23.83 -52.36
CA HIS B 102 30.06 24.82 -51.61
C HIS B 102 29.21 25.99 -51.12
N GLU B 103 27.95 26.03 -51.56
CA GLU B 103 27.03 27.09 -51.16
C GLU B 103 25.89 26.58 -50.29
N MET B 104 25.88 25.28 -50.02
CA MET B 104 24.83 24.68 -49.21
C MET B 104 24.92 25.02 -47.73
N SER B 105 23.82 25.51 -47.17
CA SER B 105 23.78 25.88 -45.76
C SER B 105 23.69 24.63 -44.89
N LEU B 106 24.12 24.74 -43.65
CA LEU B 106 24.06 23.62 -42.71
C LEU B 106 22.60 23.26 -42.50
N SER B 107 21.73 24.28 -42.54
CA SER B 107 20.30 24.08 -42.35
C SER B 107 19.71 23.15 -43.42
N ASP B 108 20.05 23.39 -44.68
CA ASP B 108 19.54 22.55 -45.77
C ASP B 108 20.11 21.14 -45.67
N TRP B 109 21.40 21.06 -45.34
CA TRP B 109 22.06 19.76 -45.20
C TRP B 109 21.37 18.95 -44.12
N ASN B 110 21.17 19.57 -42.95
CA ASN B 110 20.55 18.87 -41.83
C ASN B 110 19.11 18.43 -42.12
N LYS B 111 18.34 19.28 -42.79
CA LYS B 111 16.96 18.94 -43.07
C LYS B 111 16.85 17.65 -43.86
N VAL B 112 17.70 17.50 -44.88
CA VAL B 112 17.70 16.30 -45.71
C VAL B 112 18.27 15.09 -44.95
N ILE B 113 19.35 15.28 -44.21
CA ILE B 113 19.92 14.18 -43.45
C ILE B 113 18.93 13.71 -42.39
N ASP B 114 18.34 14.66 -41.66
CA ASP B 114 17.37 14.33 -40.61
C ASP B 114 16.17 13.55 -41.13
N THR B 115 15.63 13.98 -42.26
CA THR B 115 14.46 13.33 -42.83
C THR B 115 14.75 12.02 -43.54
N ASN B 116 15.68 12.06 -44.48
CA ASN B 116 16.03 10.90 -45.30
C ASN B 116 16.78 9.78 -44.62
N LEU B 117 17.71 10.14 -43.74
CA LEU B 117 18.51 9.13 -43.07
C LEU B 117 18.09 8.86 -41.64
N THR B 118 18.12 9.88 -40.80
CA THR B 118 17.75 9.70 -39.41
C THR B 118 16.29 9.25 -39.27
N GLY B 119 15.42 9.79 -40.11
CA GLY B 119 14.02 9.39 -40.05
C GLY B 119 13.87 7.90 -40.33
N ALA B 120 14.64 7.39 -41.29
CA ALA B 120 14.59 5.97 -41.63
C ALA B 120 15.19 5.14 -40.51
N PHE B 121 16.22 5.69 -39.85
CA PHE B 121 16.83 4.98 -38.73
C PHE B 121 15.80 4.81 -37.61
N LEU B 122 15.11 5.90 -37.28
CA LEU B 122 14.10 5.86 -36.22
C LEU B 122 13.00 4.85 -36.53
N GLY B 123 12.52 4.87 -37.77
CA GLY B 123 11.47 3.94 -38.16
C GLY B 123 11.96 2.51 -38.09
N SER B 124 13.18 2.28 -38.56
CA SER B 124 13.76 0.95 -38.54
C SER B 124 13.95 0.49 -37.10
N ARG B 125 14.49 1.38 -36.27
CA ARG B 125 14.74 1.06 -34.87
C ARG B 125 13.48 0.63 -34.15
N GLU B 126 12.43 1.43 -34.27
CA GLU B 126 11.17 1.12 -33.60
C GLU B 126 10.52 -0.17 -34.09
N ALA B 127 10.56 -0.43 -35.39
CA ALA B 127 9.98 -1.64 -35.92
C ALA B 127 10.75 -2.87 -35.45
N ILE B 128 12.08 -2.79 -35.53
CA ILE B 128 12.93 -3.90 -35.11
C ILE B 128 12.83 -4.14 -33.60
N LYS B 129 12.75 -3.07 -32.84
CA LYS B 129 12.62 -3.20 -31.38
C LYS B 129 11.39 -4.05 -31.10
N TYR B 130 10.29 -3.75 -31.81
CA TYR B 130 9.06 -4.50 -31.64
C TYR B 130 9.21 -5.96 -32.09
N PHE B 131 9.84 -6.16 -33.25
CA PHE B 131 10.06 -7.50 -33.79
C PHE B 131 10.86 -8.36 -32.83
N VAL B 132 11.92 -7.78 -32.27
CA VAL B 132 12.80 -8.50 -31.34
C VAL B 132 12.13 -8.84 -30.01
N GLU B 133 11.38 -7.89 -29.46
CA GLU B 133 10.71 -8.10 -28.17
C GLU B 133 9.53 -9.05 -28.26
N ASN B 134 9.03 -9.30 -29.47
CA ASN B 134 7.88 -10.17 -29.67
C ASN B 134 8.16 -11.38 -30.55
N ASP B 135 9.44 -11.64 -30.82
CA ASP B 135 9.85 -12.77 -31.65
C ASP B 135 9.09 -12.86 -32.97
N ILE B 136 8.98 -11.73 -33.66
CA ILE B 136 8.29 -11.69 -34.93
C ILE B 136 9.32 -11.56 -36.05
N LYS B 137 9.19 -12.41 -37.07
CA LYS B 137 10.11 -12.37 -38.20
C LYS B 137 9.58 -11.36 -39.20
N GLY B 138 9.62 -10.09 -38.80
CA GLY B 138 9.14 -9.02 -39.64
C GLY B 138 10.16 -8.56 -40.66
N THR B 139 9.80 -7.56 -41.44
CA THR B 139 10.71 -7.04 -42.44
C THR B 139 10.64 -5.53 -42.49
N VAL B 140 11.77 -4.92 -42.85
CA VAL B 140 11.85 -3.48 -42.96
C VAL B 140 12.31 -3.22 -44.37
N ILE B 141 11.62 -2.32 -45.06
CA ILE B 141 11.99 -1.96 -46.42
C ILE B 141 12.26 -0.47 -46.40
N ASN B 142 13.46 -0.09 -46.81
CA ASN B 142 13.83 1.31 -46.84
C ASN B 142 13.89 1.83 -48.26
N MET B 143 13.21 2.94 -48.49
CA MET B 143 13.19 3.53 -49.83
C MET B 143 14.43 4.37 -50.06
N SER B 144 15.31 3.85 -50.92
CA SER B 144 16.55 4.53 -51.24
C SER B 144 16.43 5.24 -52.58
N SER B 145 17.46 5.11 -53.40
CA SER B 145 17.49 5.77 -54.70
C SER B 145 18.69 5.26 -55.49
N VAL B 146 18.68 5.49 -56.80
CA VAL B 146 19.84 5.10 -57.58
C VAL B 146 21.00 5.93 -57.03
N HIS B 147 20.67 7.00 -56.32
CA HIS B 147 21.73 7.85 -55.76
C HIS B 147 22.40 7.41 -54.48
N GLU B 148 22.22 6.13 -54.14
CA GLU B 148 22.95 5.58 -53.00
C GLU B 148 24.20 5.01 -53.69
N LYS B 149 24.18 5.06 -55.02
CA LYS B 149 25.28 4.57 -55.84
C LYS B 149 25.78 5.64 -56.82
N ILE B 150 24.84 6.31 -57.49
CA ILE B 150 25.18 7.36 -58.45
C ILE B 150 25.35 8.71 -57.73
N PRO B 151 26.54 9.32 -57.83
CA PRO B 151 26.77 10.62 -57.19
C PRO B 151 25.77 11.64 -57.73
N TRP B 152 25.51 12.69 -56.96
CA TRP B 152 24.53 13.65 -57.44
C TRP B 152 24.87 15.12 -57.13
N PRO B 153 25.66 15.75 -58.02
CA PRO B 153 26.03 17.15 -57.82
C PRO B 153 24.76 17.98 -57.64
N LEU B 154 24.82 18.95 -56.73
CA LEU B 154 23.70 19.83 -56.38
C LEU B 154 22.79 19.18 -55.35
N PHE B 155 22.98 17.88 -55.11
CA PHE B 155 22.19 17.16 -54.13
C PHE B 155 23.13 16.33 -53.25
N VAL B 156 24.23 16.93 -52.81
CA VAL B 156 25.19 16.20 -51.99
C VAL B 156 24.57 15.69 -50.69
N HIS B 157 23.62 16.44 -50.14
CA HIS B 157 22.97 16.01 -48.91
C HIS B 157 22.10 14.78 -49.16
N TYR B 158 21.40 14.78 -50.30
CA TYR B 158 20.55 13.64 -50.65
C TYR B 158 21.41 12.40 -50.91
N ALA B 159 22.47 12.56 -51.70
CA ALA B 159 23.36 11.44 -51.99
C ALA B 159 23.94 10.88 -50.71
N ALA B 160 24.40 11.75 -49.83
CA ALA B 160 24.97 11.31 -48.56
C ALA B 160 23.92 10.58 -47.73
N SER B 161 22.68 11.08 -47.74
CA SER B 161 21.63 10.44 -46.94
C SER B 161 21.32 9.03 -47.43
N LYS B 162 21.36 8.81 -48.75
CA LYS B 162 21.06 7.49 -49.27
C LYS B 162 22.25 6.55 -49.19
N GLY B 163 23.46 7.11 -49.33
CA GLY B 163 24.64 6.29 -49.20
C GLY B 163 24.68 5.79 -47.76
N GLY B 164 24.25 6.66 -46.86
CA GLY B 164 24.20 6.32 -45.45
C GLY B 164 23.13 5.27 -45.22
N MET B 165 21.98 5.42 -45.89
CA MET B 165 20.87 4.47 -45.77
C MET B 165 21.31 3.08 -46.20
N LYS B 166 22.13 3.01 -47.25
CA LYS B 166 22.61 1.71 -47.73
C LYS B 166 23.36 0.98 -46.64
N LEU B 167 24.34 1.63 -46.02
CA LEU B 167 25.11 0.98 -44.97
C LEU B 167 24.26 0.71 -43.72
N MET B 168 23.27 1.56 -43.47
CA MET B 168 22.39 1.35 -42.32
C MET B 168 21.62 0.05 -42.56
N THR B 169 21.03 -0.06 -43.75
CA THR B 169 20.26 -1.26 -44.10
C THR B 169 21.10 -2.52 -44.07
N GLU B 170 22.30 -2.48 -44.66
CA GLU B 170 23.16 -3.66 -44.68
C GLU B 170 23.56 -4.05 -43.26
N THR B 171 23.79 -3.05 -42.41
CA THR B 171 24.17 -3.31 -41.03
C THR B 171 23.02 -3.95 -40.26
N LEU B 172 21.82 -3.40 -40.40
CA LEU B 172 20.66 -3.94 -39.72
C LEU B 172 20.37 -5.34 -40.25
N ALA B 173 20.55 -5.55 -41.55
CA ALA B 173 20.30 -6.87 -42.14
C ALA B 173 21.22 -7.92 -41.52
N LEU B 174 22.49 -7.58 -41.38
CA LEU B 174 23.46 -8.50 -40.80
C LEU B 174 23.18 -8.72 -39.32
N GLU B 175 22.93 -7.62 -38.62
CA GLU B 175 22.70 -7.65 -37.18
C GLU B 175 21.48 -8.46 -36.75
N TYR B 176 20.40 -8.40 -37.54
CA TYR B 176 19.18 -9.12 -37.16
C TYR B 176 18.81 -10.32 -38.01
N ALA B 177 19.69 -10.71 -38.93
CA ALA B 177 19.44 -11.87 -39.76
C ALA B 177 19.19 -13.14 -38.92
N PRO B 178 19.95 -13.32 -37.83
CA PRO B 178 19.75 -14.52 -37.00
C PRO B 178 18.33 -14.63 -36.45
N LYS B 179 17.64 -13.50 -36.33
CA LYS B 179 16.29 -13.49 -35.80
C LYS B 179 15.21 -13.56 -36.89
N GLY B 180 15.65 -13.76 -38.13
CA GLY B 180 14.72 -13.88 -39.23
C GLY B 180 14.11 -12.56 -39.70
N ILE B 181 14.70 -11.45 -39.29
CA ILE B 181 14.22 -10.13 -39.69
C ILE B 181 14.99 -9.71 -40.94
N ARG B 182 14.27 -9.50 -42.04
CA ARG B 182 14.91 -9.09 -43.29
C ARG B 182 14.84 -7.58 -43.46
N VAL B 183 15.92 -6.97 -43.94
CA VAL B 183 15.97 -5.53 -44.14
C VAL B 183 16.55 -5.31 -45.54
N ASN B 184 15.78 -4.65 -46.40
CA ASN B 184 16.21 -4.41 -47.77
C ASN B 184 15.91 -2.99 -48.24
N ASN B 185 16.65 -2.56 -49.26
CA ASN B 185 16.46 -1.24 -49.86
C ASN B 185 15.87 -1.40 -51.25
N ILE B 186 15.08 -0.42 -51.66
CA ILE B 186 14.55 -0.39 -53.02
C ILE B 186 15.23 0.86 -53.57
N GLY B 187 15.80 0.76 -54.77
CA GLY B 187 16.48 1.91 -55.36
C GLY B 187 15.83 2.36 -56.65
N PRO B 188 14.82 3.23 -56.57
CA PRO B 188 14.15 3.72 -57.77
C PRO B 188 15.00 4.68 -58.58
N GLY B 189 14.78 4.65 -59.90
CA GLY B 189 15.45 5.57 -60.79
C GLY B 189 14.50 6.76 -60.90
N ALA B 190 14.27 7.27 -62.12
CA ALA B 190 13.36 8.39 -62.29
C ALA B 190 11.92 7.86 -62.40
N ILE B 191 11.07 8.25 -61.45
CA ILE B 191 9.69 7.78 -61.42
C ILE B 191 8.70 8.93 -61.50
N ASN B 192 7.59 8.70 -62.19
CA ASN B 192 6.56 9.71 -62.36
C ASN B 192 5.74 9.93 -61.10
N THR B 193 6.18 10.88 -60.27
CA THR B 193 5.50 11.23 -59.03
C THR B 193 5.43 12.75 -58.94
N PRO B 194 4.73 13.29 -57.92
CA PRO B 194 4.62 14.75 -57.78
C PRO B 194 5.96 15.45 -57.55
N ILE B 195 6.93 14.73 -57.00
CA ILE B 195 8.25 15.31 -56.73
C ILE B 195 8.94 15.69 -58.05
N ASN B 196 8.46 15.15 -59.16
CA ASN B 196 9.05 15.43 -60.47
C ASN B 196 8.02 15.94 -61.49
N ALA B 197 6.82 16.26 -61.01
CA ALA B 197 5.75 16.72 -61.88
C ALA B 197 6.14 17.92 -62.76
N GLU B 198 6.63 18.98 -62.13
CA GLU B 198 7.03 20.19 -62.84
C GLU B 198 8.22 19.92 -63.77
N LYS B 199 9.19 19.17 -63.27
CA LYS B 199 10.39 18.84 -64.04
C LYS B 199 10.03 18.10 -65.32
N PHE B 200 9.15 17.12 -65.21
CA PHE B 200 8.74 16.31 -66.35
C PHE B 200 7.69 17.00 -67.22
N ALA B 201 7.14 18.10 -66.73
CA ALA B 201 6.14 18.84 -67.47
C ALA B 201 6.83 19.51 -68.66
N ASP B 202 8.02 20.05 -68.41
CA ASP B 202 8.79 20.70 -69.46
C ASP B 202 9.32 19.65 -70.43
N PRO B 203 8.95 19.76 -71.71
CA PRO B 203 9.38 18.81 -72.74
C PRO B 203 10.89 18.68 -72.88
N GLU B 204 11.61 19.76 -72.64
CA GLU B 204 13.07 19.73 -72.75
C GLU B 204 13.68 18.95 -71.59
N GLN B 205 13.15 19.15 -70.39
CA GLN B 205 13.66 18.45 -69.22
C GLN B 205 13.32 16.98 -69.27
N ARG B 206 12.09 16.65 -69.66
CA ARG B 206 11.69 15.25 -69.76
C ARG B 206 12.60 14.50 -70.72
N ALA B 207 12.83 15.09 -71.88
CA ALA B 207 13.69 14.47 -72.88
C ALA B 207 15.09 14.28 -72.32
N ASP B 208 15.53 15.24 -71.51
CA ASP B 208 16.85 15.16 -70.92
C ASP B 208 16.94 13.98 -69.96
N VAL B 209 15.92 13.82 -69.13
CA VAL B 209 15.89 12.72 -68.16
C VAL B 209 15.78 11.38 -68.88
N GLU B 210 14.92 11.32 -69.90
CA GLU B 210 14.74 10.07 -70.64
C GLU B 210 16.02 9.64 -71.33
N SER B 211 16.88 10.60 -71.67
CA SER B 211 18.13 10.27 -72.35
C SER B 211 19.11 9.59 -71.39
N MET B 212 18.82 9.67 -70.10
CA MET B 212 19.68 9.08 -69.08
C MET B 212 19.15 7.71 -68.64
N ILE B 213 18.04 7.30 -69.25
CA ILE B 213 17.43 6.01 -68.93
C ILE B 213 17.53 5.06 -70.12
N PRO B 214 18.41 4.05 -70.01
CA PRO B 214 18.59 3.08 -71.11
C PRO B 214 17.28 2.51 -71.67
N MET B 215 16.34 2.16 -70.81
CA MET B 215 15.08 1.60 -71.30
C MET B 215 14.23 2.64 -72.03
N GLY B 216 14.62 3.91 -71.91
CA GLY B 216 13.94 4.97 -72.63
C GLY B 216 12.66 5.57 -72.10
N TYR B 217 12.24 5.18 -70.90
CA TYR B 217 11.01 5.74 -70.34
C TYR B 217 11.10 5.93 -68.83
N ILE B 218 10.38 6.93 -68.35
CA ILE B 218 10.30 7.24 -66.93
C ILE B 218 9.33 6.23 -66.32
N GLY B 219 9.77 5.57 -65.25
CA GLY B 219 8.92 4.57 -64.63
C GLY B 219 7.68 5.08 -63.95
N GLU B 220 6.71 4.20 -63.76
CA GLU B 220 5.46 4.55 -63.09
C GLU B 220 5.54 4.06 -61.66
N PRO B 221 4.83 4.72 -60.73
CA PRO B 221 4.84 4.32 -59.32
C PRO B 221 4.50 2.85 -59.11
N GLU B 222 3.58 2.32 -59.90
CA GLU B 222 3.18 0.92 -59.77
C GLU B 222 4.34 -0.04 -59.98
N GLU B 223 5.31 0.35 -60.79
CA GLU B 223 6.47 -0.49 -61.06
C GLU B 223 7.37 -0.59 -59.83
N ILE B 224 7.28 0.40 -58.94
CA ILE B 224 8.08 0.37 -57.73
C ILE B 224 7.26 -0.35 -56.66
N ALA B 225 5.95 -0.13 -56.66
CA ALA B 225 5.09 -0.80 -55.68
C ALA B 225 5.18 -2.31 -55.88
N ALA B 226 5.39 -2.73 -57.12
CA ALA B 226 5.51 -4.16 -57.43
C ALA B 226 6.73 -4.73 -56.71
N VAL B 227 7.82 -3.95 -56.68
CA VAL B 227 9.04 -4.40 -56.03
C VAL B 227 8.84 -4.52 -54.52
N ALA B 228 8.17 -3.53 -53.93
CA ALA B 228 7.92 -3.54 -52.50
C ALA B 228 7.06 -4.73 -52.09
N ALA B 229 6.05 -5.04 -52.88
CA ALA B 229 5.16 -6.16 -52.57
C ALA B 229 5.92 -7.48 -52.59
N TRP B 230 6.78 -7.66 -53.60
CA TRP B 230 7.56 -8.88 -53.70
C TRP B 230 8.54 -9.03 -52.53
N LEU B 231 9.28 -7.97 -52.23
CA LEU B 231 10.25 -8.01 -51.14
C LEU B 231 9.62 -8.30 -49.79
N ALA B 232 8.38 -7.87 -49.61
CA ALA B 232 7.68 -8.10 -48.35
C ALA B 232 7.14 -9.52 -48.25
N SER B 233 6.94 -10.16 -49.39
CA SER B 233 6.41 -11.52 -49.43
C SER B 233 7.40 -12.61 -49.09
N SER B 234 6.87 -13.80 -48.84
CA SER B 234 7.69 -14.95 -48.50
C SER B 234 8.43 -15.47 -49.74
N GLU B 235 8.10 -14.92 -50.91
CA GLU B 235 8.79 -15.34 -52.13
C GLU B 235 10.25 -14.90 -52.04
N ALA B 236 10.47 -13.81 -51.31
CA ALA B 236 11.82 -13.26 -51.12
C ALA B 236 12.37 -13.68 -49.76
N SER B 237 11.98 -14.88 -49.31
CA SER B 237 12.40 -15.39 -48.01
C SER B 237 13.91 -15.43 -47.73
N TYR B 238 14.73 -15.63 -48.76
CA TYR B 238 16.16 -15.74 -48.56
C TYR B 238 16.91 -14.48 -48.99
N VAL B 239 16.16 -13.39 -49.16
CA VAL B 239 16.74 -12.12 -49.59
C VAL B 239 16.81 -11.08 -48.48
N THR B 240 18.02 -10.65 -48.14
CA THR B 240 18.18 -9.64 -47.11
C THR B 240 19.46 -8.83 -47.32
N GLY B 241 19.41 -7.56 -46.93
CA GLY B 241 20.57 -6.68 -47.05
C GLY B 241 20.88 -6.13 -48.42
N ILE B 242 20.03 -6.40 -49.40
CA ILE B 242 20.31 -5.93 -50.75
C ILE B 242 19.61 -4.63 -51.07
N THR B 243 20.00 -4.05 -52.21
CA THR B 243 19.34 -2.86 -52.72
C THR B 243 18.89 -3.35 -54.08
N LEU B 244 17.58 -3.37 -54.28
CA LEU B 244 17.01 -3.81 -55.54
C LEU B 244 16.73 -2.56 -56.34
N PHE B 245 17.56 -2.32 -57.36
CA PHE B 245 17.39 -1.15 -58.20
C PHE B 245 16.33 -1.41 -59.26
N ALA B 246 15.41 -0.47 -59.40
CA ALA B 246 14.34 -0.54 -60.40
C ALA B 246 14.53 0.83 -61.04
N ASP B 247 15.41 0.88 -62.03
CA ASP B 247 15.78 2.14 -62.65
C ASP B 247 15.88 2.18 -64.17
N GLY B 248 15.35 1.16 -64.83
CA GLY B 248 15.42 1.14 -66.28
C GLY B 248 16.84 1.14 -66.82
N GLY B 249 17.80 0.76 -65.97
CA GLY B 249 19.19 0.70 -66.38
C GLY B 249 20.05 1.91 -66.06
N MET B 250 19.51 2.87 -65.32
CA MET B 250 20.24 4.08 -64.97
C MET B 250 21.62 3.84 -64.33
N THR B 251 21.71 2.87 -63.43
CA THR B 251 22.97 2.59 -62.76
C THR B 251 24.02 1.90 -63.65
N GLN B 252 23.66 1.61 -64.89
CA GLN B 252 24.59 0.96 -65.81
C GLN B 252 25.44 1.91 -66.64
N TYR B 253 25.50 3.18 -66.23
CA TYR B 253 26.29 4.20 -66.93
C TYR B 253 25.76 4.50 -68.34
N PRO B 254 24.64 5.22 -68.44
CA PRO B 254 24.02 5.56 -69.72
C PRO B 254 24.88 6.27 -70.75
N SER B 255 25.90 7.00 -70.32
CA SER B 255 26.76 7.70 -71.27
C SER B 255 27.65 6.78 -72.10
N PHE B 256 27.76 5.52 -71.70
CA PHE B 256 28.60 4.59 -72.43
C PHE B 256 27.90 3.72 -73.48
N GLN B 257 26.66 4.08 -73.83
CA GLN B 257 25.96 3.32 -74.84
C GLN B 257 26.65 3.54 -76.18
N ALA B 258 26.51 2.58 -77.09
CA ALA B 258 27.12 2.66 -78.42
C ALA B 258 28.63 2.58 -78.39
N GLY B 259 29.18 1.95 -77.35
CA GLY B 259 30.62 1.80 -77.23
C GLY B 259 31.42 3.09 -77.21
N ARG B 260 30.88 4.12 -76.56
CA ARG B 260 31.57 5.41 -76.47
C ARG B 260 32.73 5.33 -75.48
N GLY B 261 33.60 6.34 -75.52
CA GLY B 261 34.75 6.38 -74.62
C GLY B 261 35.93 5.59 -75.13
N MET C 1 -8.78 -27.43 22.83
CA MET C 1 -7.68 -26.68 23.50
C MET C 1 -7.39 -27.22 24.90
N TYR C 2 -8.44 -27.44 25.67
CA TYR C 2 -8.28 -27.97 27.03
C TYR C 2 -8.71 -29.42 27.07
N LYS C 3 -7.72 -30.32 27.02
CA LYS C 3 -7.97 -31.75 27.03
C LYS C 3 -8.81 -32.26 28.19
N ASP C 4 -8.70 -31.61 29.35
CA ASP C 4 -9.45 -32.04 30.52
C ASP C 4 -10.95 -31.79 30.43
N LEU C 5 -11.38 -30.96 29.48
CA LEU C 5 -12.79 -30.67 29.33
C LEU C 5 -13.54 -31.76 28.56
N GLU C 6 -12.79 -32.63 27.88
CA GLU C 6 -13.44 -33.69 27.12
C GLU C 6 -14.25 -34.60 28.05
N GLY C 7 -15.53 -34.78 27.71
CA GLY C 7 -16.37 -35.64 28.51
C GLY C 7 -17.02 -34.99 29.71
N LYS C 8 -16.62 -33.76 30.02
CA LYS C 8 -17.21 -33.04 31.15
C LYS C 8 -18.62 -32.62 30.76
N VAL C 9 -19.52 -32.62 31.74
CA VAL C 9 -20.91 -32.24 31.50
C VAL C 9 -21.10 -30.79 31.96
N VAL C 10 -21.51 -29.93 31.03
CA VAL C 10 -21.71 -28.52 31.31
C VAL C 10 -23.16 -28.08 31.10
N VAL C 11 -23.72 -27.44 32.12
CA VAL C 11 -25.09 -26.93 32.05
C VAL C 11 -24.98 -25.40 32.01
N ILE C 12 -25.68 -24.78 31.07
CA ILE C 12 -25.65 -23.33 30.93
C ILE C 12 -27.07 -22.77 30.86
N THR C 13 -27.45 -21.92 31.81
CA THR C 13 -28.78 -21.36 31.78
C THR C 13 -28.85 -20.24 30.75
N GLY C 14 -30.04 -20.03 30.17
CA GLY C 14 -30.20 -18.99 29.18
C GLY C 14 -29.20 -19.11 28.04
N SER C 15 -29.02 -20.33 27.54
CA SER C 15 -28.04 -20.57 26.49
C SER C 15 -28.57 -20.73 25.07
N SER C 16 -29.79 -20.27 24.81
CA SER C 16 -30.34 -20.38 23.46
C SER C 16 -29.93 -19.16 22.63
N THR C 17 -29.39 -18.14 23.31
CA THR C 17 -28.96 -16.91 22.64
C THR C 17 -27.73 -16.30 23.29
N GLY C 18 -27.21 -15.26 22.63
CA GLY C 18 -26.06 -14.52 23.14
C GLY C 18 -24.87 -15.23 23.71
N LEU C 19 -24.38 -14.74 24.85
CA LEU C 19 -23.21 -15.33 25.49
C LEU C 19 -23.40 -16.79 25.83
N GLY C 20 -24.61 -17.14 26.27
CA GLY C 20 -24.90 -18.52 26.63
C GLY C 20 -24.71 -19.44 25.45
N LYS C 21 -25.21 -19.01 24.30
CA LYS C 21 -25.10 -19.78 23.06
C LYS C 21 -23.63 -19.93 22.66
N SER C 22 -22.88 -18.83 22.73
CA SER C 22 -21.46 -18.88 22.37
C SER C 22 -20.68 -19.81 23.29
N MET C 23 -21.01 -19.80 24.58
CA MET C 23 -20.31 -20.68 25.51
C MET C 23 -20.68 -22.14 25.22
N ALA C 24 -21.94 -22.38 24.89
CA ALA C 24 -22.39 -23.74 24.60
C ALA C 24 -21.60 -24.30 23.43
N ILE C 25 -21.44 -23.48 22.39
CA ILE C 25 -20.70 -23.91 21.21
C ILE C 25 -19.21 -24.10 21.53
N ARG C 26 -18.64 -23.20 22.32
CA ARG C 26 -17.23 -23.33 22.67
C ARG C 26 -16.97 -24.60 23.47
N PHE C 27 -17.82 -24.88 24.45
CA PHE C 27 -17.62 -26.10 25.23
C PHE C 27 -17.81 -27.35 24.38
N ALA C 28 -18.71 -27.29 23.41
CA ALA C 28 -18.95 -28.42 22.52
C ALA C 28 -17.67 -28.67 21.71
N THR C 29 -17.02 -27.59 21.32
CA THR C 29 -15.79 -27.68 20.55
C THR C 29 -14.67 -28.29 21.41
N GLU C 30 -14.78 -28.12 22.73
CA GLU C 30 -13.80 -28.68 23.66
C GLU C 30 -14.19 -30.12 23.99
N LYS C 31 -15.19 -30.63 23.28
CA LYS C 31 -15.68 -31.98 23.45
C LYS C 31 -16.40 -32.27 24.77
N ALA C 32 -16.96 -31.23 25.37
CA ALA C 32 -17.71 -31.40 26.61
C ALA C 32 -19.14 -31.69 26.19
N LYS C 33 -19.91 -32.31 27.07
CA LYS C 33 -21.31 -32.60 26.79
C LYS C 33 -22.07 -31.41 27.34
N VAL C 34 -22.91 -30.81 26.52
CA VAL C 34 -23.62 -29.60 26.92
C VAL C 34 -25.12 -29.72 27.08
N VAL C 35 -25.64 -29.07 28.12
CA VAL C 35 -27.06 -29.03 28.39
C VAL C 35 -27.49 -27.58 28.17
N VAL C 36 -28.20 -27.34 27.08
CA VAL C 36 -28.69 -26.02 26.73
C VAL C 36 -30.01 -25.78 27.43
N ASN C 37 -30.30 -24.52 27.74
CA ASN C 37 -31.53 -24.17 28.43
C ASN C 37 -32.27 -23.04 27.74
N TYR C 38 -33.58 -23.22 27.58
CA TYR C 38 -34.44 -22.21 26.98
C TYR C 38 -35.62 -22.02 27.90
N ARG C 39 -36.32 -20.90 27.77
CA ARG C 39 -37.42 -20.61 28.67
C ARG C 39 -38.81 -21.19 28.41
N SER C 40 -39.29 -21.17 27.17
CA SER C 40 -40.65 -21.67 26.93
C SER C 40 -40.91 -22.73 25.86
N LYS C 41 -40.32 -22.57 24.69
CA LYS C 41 -40.55 -23.53 23.61
C LYS C 41 -39.25 -24.16 23.10
N GLU C 42 -39.28 -25.47 22.88
CA GLU C 42 -38.11 -26.19 22.41
C GLU C 42 -37.52 -25.59 21.13
N ASP C 43 -38.37 -24.97 20.32
CA ASP C 43 -37.91 -24.36 19.07
C ASP C 43 -36.85 -23.29 19.32
N GLU C 44 -36.90 -22.68 20.51
CA GLU C 44 -35.94 -21.64 20.86
C GLU C 44 -34.49 -22.12 20.82
N ALA C 45 -34.29 -23.40 21.09
CA ALA C 45 -32.94 -23.95 21.13
C ALA C 45 -32.44 -24.57 19.82
N ASN C 46 -33.26 -24.55 18.78
CA ASN C 46 -32.86 -25.14 17.51
C ASN C 46 -31.54 -24.62 16.98
N SER C 47 -31.38 -23.29 16.95
CA SER C 47 -30.16 -22.68 16.45
C SER C 47 -28.90 -23.14 17.16
N VAL C 48 -28.89 -23.09 18.48
CA VAL C 48 -27.70 -23.51 19.23
C VAL C 48 -27.44 -25.01 19.08
N LEU C 49 -28.49 -25.81 19.02
CA LEU C 49 -28.33 -27.25 18.87
C LEU C 49 -27.73 -27.58 17.51
N GLU C 50 -28.11 -26.82 16.49
CA GLU C 50 -27.58 -27.05 15.15
C GLU C 50 -26.11 -26.65 15.07
N GLU C 51 -25.76 -25.55 15.73
CA GLU C 51 -24.38 -25.10 15.74
C GLU C 51 -23.50 -26.11 16.45
N ILE C 52 -24.06 -26.78 17.46
CA ILE C 52 -23.32 -27.79 18.20
C ILE C 52 -23.10 -29.03 17.34
N LYS C 53 -24.12 -29.41 16.58
CA LYS C 53 -24.00 -30.57 15.69
C LYS C 53 -22.95 -30.26 14.63
N LYS C 54 -22.94 -29.01 14.19
CA LYS C 54 -22.01 -28.53 13.17
C LYS C 54 -20.56 -28.75 13.59
N VAL C 55 -20.32 -28.94 14.89
CA VAL C 55 -18.96 -29.16 15.39
C VAL C 55 -18.75 -30.56 15.97
N GLY C 56 -19.69 -31.47 15.71
CA GLY C 56 -19.57 -32.83 16.20
C GLY C 56 -19.78 -32.99 17.70
N GLY C 57 -20.47 -32.01 18.29
CA GLY C 57 -20.71 -32.07 19.72
C GLY C 57 -21.97 -32.82 20.10
N GLU C 58 -22.12 -33.07 21.39
CA GLU C 58 -23.27 -33.78 21.93
C GLU C 58 -23.97 -32.86 22.91
N ALA C 59 -25.28 -32.68 22.74
CA ALA C 59 -26.02 -31.80 23.63
C ALA C 59 -27.53 -32.06 23.62
N ILE C 60 -28.20 -31.54 24.64
CA ILE C 60 -29.65 -31.66 24.76
C ILE C 60 -30.15 -30.29 25.20
N ALA C 61 -31.42 -30.02 24.97
CA ALA C 61 -32.02 -28.75 25.36
C ALA C 61 -33.09 -29.03 26.40
N VAL C 62 -33.06 -28.30 27.50
CA VAL C 62 -34.03 -28.48 28.57
C VAL C 62 -34.74 -27.17 28.89
N LYS C 63 -36.07 -27.23 28.92
CA LYS C 63 -36.88 -26.05 29.21
C LYS C 63 -36.77 -25.73 30.70
N GLY C 64 -36.73 -24.44 31.03
CA GLY C 64 -36.62 -24.08 32.43
C GLY C 64 -36.52 -22.58 32.68
N ASP C 65 -37.36 -22.09 33.58
CA ASP C 65 -37.40 -20.69 33.98
C ASP C 65 -36.58 -20.65 35.27
N VAL C 66 -35.48 -19.89 35.28
CA VAL C 66 -34.64 -19.85 36.48
C VAL C 66 -35.27 -19.19 37.70
N THR C 67 -36.46 -18.62 37.56
CA THR C 67 -37.13 -18.00 38.70
C THR C 67 -38.08 -19.01 39.34
N VAL C 68 -38.15 -20.20 38.75
CA VAL C 68 -39.00 -21.27 39.26
C VAL C 68 -38.11 -22.35 39.84
N GLU C 69 -38.14 -22.49 41.16
CA GLU C 69 -37.30 -23.47 41.85
C GLU C 69 -37.33 -24.87 41.26
N SER C 70 -38.52 -25.42 41.06
CA SER C 70 -38.63 -26.77 40.51
C SER C 70 -38.01 -26.90 39.13
N ASP C 71 -38.00 -25.81 38.36
CA ASP C 71 -37.40 -25.81 37.03
C ASP C 71 -35.88 -25.91 37.13
N VAL C 72 -35.30 -25.20 38.09
CA VAL C 72 -33.85 -25.25 38.26
C VAL C 72 -33.43 -26.62 38.75
N ILE C 73 -34.19 -27.19 39.70
CA ILE C 73 -33.89 -28.51 40.21
C ILE C 73 -33.95 -29.52 39.06
N ASN C 74 -34.99 -29.42 38.24
CA ASN C 74 -35.14 -30.33 37.12
C ASN C 74 -34.03 -30.18 36.10
N LEU C 75 -33.56 -28.95 35.90
CA LEU C 75 -32.50 -28.69 34.93
C LEU C 75 -31.23 -29.46 35.31
N VAL C 76 -30.87 -29.39 36.59
CA VAL C 76 -29.68 -30.10 37.06
C VAL C 76 -29.89 -31.61 36.99
N GLN C 77 -31.05 -32.07 37.42
CA GLN C 77 -31.35 -33.50 37.38
C GLN C 77 -31.36 -34.05 35.96
N SER C 78 -31.82 -33.24 35.01
CA SER C 78 -31.86 -33.66 33.62
C SER C 78 -30.47 -33.94 33.07
N ALA C 79 -29.50 -33.13 33.49
CA ALA C 79 -28.13 -33.31 33.03
C ALA C 79 -27.58 -34.63 33.54
N ILE C 80 -27.84 -34.90 34.83
CA ILE C 80 -27.37 -36.13 35.45
C ILE C 80 -28.04 -37.36 34.84
N LYS C 81 -29.32 -37.25 34.55
CA LYS C 81 -30.07 -38.37 33.98
C LYS C 81 -29.62 -38.68 32.56
N GLU C 82 -29.36 -37.64 31.78
CA GLU C 82 -28.95 -37.80 30.38
C GLU C 82 -27.48 -38.19 30.21
N PHE C 83 -26.59 -37.48 30.92
CA PHE C 83 -25.17 -37.75 30.78
C PHE C 83 -24.51 -38.46 31.96
N GLY C 84 -25.29 -38.73 33.01
CA GLY C 84 -24.77 -39.45 34.15
C GLY C 84 -24.02 -38.66 35.23
N LYS C 85 -23.74 -37.39 34.95
CA LYS C 85 -23.01 -36.56 35.91
C LYS C 85 -23.11 -35.09 35.55
N LEU C 86 -22.55 -34.26 36.42
CA LEU C 86 -22.53 -32.81 36.23
C LEU C 86 -21.13 -32.34 36.66
N ASP C 87 -20.48 -31.54 35.82
CA ASP C 87 -19.15 -31.06 36.16
C ASP C 87 -19.04 -29.55 36.26
N VAL C 88 -19.75 -28.85 35.39
CA VAL C 88 -19.71 -27.40 35.35
C VAL C 88 -21.10 -26.81 35.27
N MET C 89 -21.39 -25.87 36.18
CA MET C 89 -22.68 -25.21 36.19
C MET C 89 -22.42 -23.74 35.86
N ILE C 90 -23.08 -23.23 34.84
CA ILE C 90 -22.90 -21.83 34.45
C ILE C 90 -24.23 -21.10 34.51
N ASN C 91 -24.36 -20.18 35.46
CA ASN C 91 -25.57 -19.38 35.62
C ASN C 91 -25.39 -18.14 34.78
N ASN C 92 -26.07 -18.13 33.63
CA ASN C 92 -25.93 -17.05 32.67
C ASN C 92 -27.20 -16.24 32.37
N ALA C 93 -28.36 -16.82 32.63
CA ALA C 93 -29.61 -16.12 32.37
C ALA C 93 -29.68 -14.77 33.07
N GLY C 94 -30.26 -13.78 32.40
CA GLY C 94 -30.37 -12.47 33.00
C GLY C 94 -31.19 -11.51 32.17
N LEU C 95 -31.60 -10.40 32.77
CA LEU C 95 -32.38 -9.40 32.06
C LEU C 95 -32.12 -8.04 32.65
N GLU C 96 -32.50 -7.01 31.91
CA GLU C 96 -32.29 -5.64 32.35
C GLU C 96 -33.25 -4.73 31.60
N ASN C 97 -33.59 -3.60 32.21
CA ASN C 97 -34.46 -2.61 31.59
C ASN C 97 -34.19 -1.29 32.31
N PRO C 98 -34.12 -0.18 31.57
CA PRO C 98 -33.86 1.13 32.16
C PRO C 98 -35.06 1.88 32.75
N VAL C 99 -34.89 2.38 33.97
CA VAL C 99 -35.93 3.15 34.65
C VAL C 99 -35.25 4.01 35.72
N SER C 100 -35.59 5.30 35.78
CA SER C 100 -35.00 6.15 36.81
C SER C 100 -35.31 5.48 38.14
N SER C 101 -34.30 5.42 39.01
CA SER C 101 -34.46 4.74 40.29
C SER C 101 -35.66 5.18 41.13
N HIS C 102 -35.90 6.49 41.24
CA HIS C 102 -37.01 6.94 42.07
C HIS C 102 -38.36 6.66 41.44
N GLU C 103 -38.37 6.19 40.19
CA GLU C 103 -39.60 5.87 39.47
C GLU C 103 -39.75 4.38 39.23
N MET C 104 -38.77 3.59 39.65
CA MET C 104 -38.81 2.15 39.44
C MET C 104 -39.83 1.44 40.31
N SER C 105 -40.68 0.63 39.67
CA SER C 105 -41.71 -0.11 40.38
C SER C 105 -41.10 -1.31 41.09
N LEU C 106 -41.75 -1.78 42.16
CA LEU C 106 -41.28 -2.93 42.91
C LEU C 106 -41.29 -4.13 41.97
N SER C 107 -42.25 -4.15 41.06
CA SER C 107 -42.37 -5.24 40.09
C SER C 107 -41.13 -5.38 39.21
N ASP C 108 -40.66 -4.27 38.68
CA ASP C 108 -39.47 -4.28 37.83
C ASP C 108 -38.23 -4.67 38.64
N TRP C 109 -38.14 -4.11 39.85
CA TRP C 109 -37.01 -4.40 40.73
C TRP C 109 -36.96 -5.90 41.02
N ASN C 110 -38.10 -6.47 41.41
CA ASN C 110 -38.15 -7.89 41.73
C ASN C 110 -37.85 -8.80 40.56
N LYS C 111 -38.33 -8.45 39.37
CA LYS C 111 -38.10 -9.27 38.20
C LYS C 111 -36.61 -9.45 37.95
N VAL C 112 -35.86 -8.35 38.03
CA VAL C 112 -34.43 -8.40 37.80
C VAL C 112 -33.69 -9.09 38.96
N ILE C 113 -34.08 -8.82 40.19
CA ILE C 113 -33.43 -9.47 41.33
C ILE C 113 -33.70 -10.97 41.28
N ASP C 114 -34.95 -11.35 41.05
CA ASP C 114 -35.34 -12.75 40.98
C ASP C 114 -34.58 -13.53 39.92
N THR C 115 -34.46 -12.94 38.73
CA THR C 115 -33.78 -13.61 37.63
C THR C 115 -32.26 -13.60 37.73
N ASN C 116 -31.69 -12.41 37.88
CA ASN C 116 -30.24 -12.22 37.91
C ASN C 116 -29.51 -12.72 39.15
N LEU C 117 -30.13 -12.54 40.31
CA LEU C 117 -29.49 -12.94 41.55
C LEU C 117 -30.03 -14.25 42.12
N THR C 118 -31.33 -14.28 42.42
CA THR C 118 -31.91 -15.48 42.99
C THR C 118 -31.81 -16.66 42.05
N GLY C 119 -31.96 -16.42 40.75
CA GLY C 119 -31.85 -17.50 39.79
C GLY C 119 -30.48 -18.12 39.83
N ALA C 120 -29.45 -17.28 39.98
CA ALA C 120 -28.07 -17.75 40.05
C ALA C 120 -27.84 -18.49 41.36
N PHE C 121 -28.49 -18.02 42.42
CA PHE C 121 -28.36 -18.69 43.72
C PHE C 121 -28.92 -20.11 43.62
N LEU C 122 -30.11 -20.23 43.04
CA LEU C 122 -30.75 -21.54 42.90
C LEU C 122 -29.89 -22.49 42.08
N GLY C 123 -29.35 -21.99 40.97
CA GLY C 123 -28.51 -22.83 40.12
C GLY C 123 -27.25 -23.25 40.85
N SER C 124 -26.65 -22.30 41.57
CA SER C 124 -25.43 -22.59 42.33
C SER C 124 -25.73 -23.59 43.43
N ARG C 125 -26.83 -23.38 44.14
CA ARG C 125 -27.24 -24.24 45.24
C ARG C 125 -27.41 -25.69 44.77
N GLU C 126 -28.18 -25.88 43.71
CA GLU C 126 -28.41 -27.23 43.20
C GLU C 126 -27.16 -27.93 42.69
N ALA C 127 -26.29 -27.21 42.00
CA ALA C 127 -25.06 -27.79 41.50
C ALA C 127 -24.15 -28.19 42.65
N ILE C 128 -23.99 -27.29 43.61
CA ILE C 128 -23.13 -27.55 44.76
C ILE C 128 -23.69 -28.69 45.63
N LYS C 129 -25.01 -28.72 45.79
CA LYS C 129 -25.63 -29.78 46.58
C LYS C 129 -25.22 -31.12 45.96
N TYR C 130 -25.28 -31.19 44.64
CA TYR C 130 -24.91 -32.42 43.93
C TYR C 130 -23.42 -32.72 44.10
N PHE C 131 -22.58 -31.70 43.94
CA PHE C 131 -21.13 -31.86 44.09
C PHE C 131 -20.77 -32.39 45.48
N VAL C 132 -21.38 -31.81 46.50
CA VAL C 132 -21.12 -32.19 47.88
C VAL C 132 -21.58 -33.62 48.21
N GLU C 133 -22.78 -33.97 47.77
CA GLU C 133 -23.32 -35.30 48.05
C GLU C 133 -22.63 -36.42 47.28
N ASN C 134 -21.90 -36.06 46.23
CA ASN C 134 -21.21 -37.06 45.42
C ASN C 134 -19.71 -36.90 45.37
N ASP C 135 -19.16 -36.08 46.27
CA ASP C 135 -17.74 -35.83 46.34
C ASP C 135 -17.11 -35.51 45.00
N ILE C 136 -17.73 -34.60 44.26
CA ILE C 136 -17.23 -34.19 42.96
C ILE C 136 -16.63 -32.81 43.08
N LYS C 137 -15.41 -32.64 42.56
CA LYS C 137 -14.75 -31.33 42.60
C LYS C 137 -15.19 -30.54 41.38
N GLY C 138 -16.47 -30.17 41.37
CA GLY C 138 -17.02 -29.43 40.26
C GLY C 138 -16.77 -27.94 40.35
N THR C 139 -17.29 -27.20 39.39
CA THR C 139 -17.10 -25.77 39.40
C THR C 139 -18.37 -25.05 38.99
N VAL C 140 -18.56 -23.87 39.53
CA VAL C 140 -19.72 -23.06 39.21
C VAL C 140 -19.16 -21.75 38.67
N ILE C 141 -19.69 -21.32 37.53
CA ILE C 141 -19.26 -20.07 36.94
C ILE C 141 -20.51 -19.21 36.85
N ASN C 142 -20.45 -18.02 37.44
CA ASN C 142 -21.59 -17.13 37.41
C ASN C 142 -21.33 -15.95 36.50
N MET C 143 -22.26 -15.68 35.59
CA MET C 143 -22.09 -14.58 34.66
C MET C 143 -22.51 -13.27 35.31
N SER C 144 -21.51 -12.44 35.59
CA SER C 144 -21.75 -11.16 36.21
C SER C 144 -21.70 -10.04 35.18
N SER C 145 -21.03 -8.96 35.51
CA SER C 145 -20.94 -7.80 34.63
C SER C 145 -19.96 -6.81 35.20
N VAL C 146 -19.50 -5.88 34.38
CA VAL C 146 -18.61 -4.85 34.90
C VAL C 146 -19.42 -4.11 35.95
N HIS C 147 -20.74 -4.24 35.90
CA HIS C 147 -21.60 -3.54 36.85
C HIS C 147 -21.76 -4.16 38.23
N GLU C 148 -20.87 -5.09 38.57
CA GLU C 148 -20.87 -5.62 39.92
C GLU C 148 -19.87 -4.69 40.60
N LYS C 149 -19.25 -3.82 39.79
CA LYS C 149 -18.25 -2.86 40.28
C LYS C 149 -18.61 -1.44 39.85
N ILE C 150 -18.99 -1.27 38.58
CA ILE C 150 -19.35 0.05 38.05
C ILE C 150 -20.83 0.33 38.31
N PRO C 151 -21.14 1.41 39.04
CA PRO C 151 -22.54 1.76 39.33
C PRO C 151 -23.28 1.98 38.01
N TRP C 152 -24.60 1.82 38.01
CA TRP C 152 -25.33 1.97 36.77
C TRP C 152 -26.68 2.68 36.89
N PRO C 153 -26.68 4.02 36.84
CA PRO C 153 -27.91 4.80 36.94
C PRO C 153 -28.90 4.29 35.88
N LEU C 154 -30.17 4.22 36.25
CA LEU C 154 -31.25 3.73 35.39
C LEU C 154 -31.34 2.20 35.44
N PHE C 155 -30.33 1.55 36.00
CA PHE C 155 -30.30 0.11 36.14
C PHE C 155 -29.90 -0.27 37.55
N VAL C 156 -30.48 0.42 38.54
CA VAL C 156 -30.13 0.15 39.93
C VAL C 156 -30.44 -1.31 40.33
N HIS C 157 -31.48 -1.89 39.76
CA HIS C 157 -31.82 -3.27 40.07
C HIS C 157 -30.77 -4.23 39.51
N TYR C 158 -30.29 -3.94 38.31
CA TYR C 158 -29.27 -4.77 37.68
C TYR C 158 -27.96 -4.67 38.47
N ALA C 159 -27.56 -3.45 38.79
CA ALA C 159 -26.32 -3.23 39.55
C ALA C 159 -26.41 -3.96 40.89
N ALA C 160 -27.53 -3.81 41.58
CA ALA C 160 -27.70 -4.48 42.86
C ALA C 160 -27.65 -6.00 42.69
N SER C 161 -28.23 -6.52 41.62
CA SER C 161 -28.23 -7.96 41.41
C SER C 161 -26.83 -8.50 41.19
N LYS C 162 -25.99 -7.76 40.49
CA LYS C 162 -24.63 -8.23 40.22
C LYS C 162 -23.71 -7.98 41.41
N GLY C 163 -23.95 -6.90 42.15
CA GLY C 163 -23.14 -6.64 43.33
C GLY C 163 -23.44 -7.77 44.31
N GLY C 164 -24.70 -8.20 44.32
CA GLY C 164 -25.09 -9.30 45.19
C GLY C 164 -24.47 -10.59 44.71
N MET C 165 -24.41 -10.78 43.39
CA MET C 165 -23.84 -12.00 42.82
C MET C 165 -22.36 -12.11 43.20
N LYS C 166 -21.67 -10.98 43.23
CA LYS C 166 -20.26 -10.97 43.60
C LYS C 166 -20.07 -11.56 45.00
N LEU C 167 -20.81 -11.04 45.99
CA LEU C 167 -20.67 -11.55 47.34
C LEU C 167 -21.18 -12.97 47.49
N MET C 168 -22.16 -13.35 46.67
CA MET C 168 -22.67 -14.71 46.72
C MET C 168 -21.56 -15.64 46.25
N THR C 169 -20.97 -15.31 45.12
CA THR C 169 -19.87 -16.12 44.58
C THR C 169 -18.68 -16.23 45.52
N GLU C 170 -18.25 -15.10 46.10
CA GLU C 170 -17.12 -15.13 47.01
C GLU C 170 -17.44 -15.95 48.25
N THR C 171 -18.68 -15.88 48.70
CA THR C 171 -19.10 -16.63 49.88
C THR C 171 -19.10 -18.14 49.57
N LEU C 172 -19.68 -18.52 48.45
CA LEU C 172 -19.70 -19.92 48.06
C LEU C 172 -18.28 -20.42 47.83
N ALA C 173 -17.43 -19.60 47.24
CA ALA C 173 -16.05 -20.00 46.99
C ALA C 173 -15.32 -20.31 48.30
N LEU C 174 -15.52 -19.47 49.31
CA LEU C 174 -14.87 -19.67 50.59
C LEU C 174 -15.46 -20.88 51.31
N GLU C 175 -16.79 -20.97 51.28
CA GLU C 175 -17.51 -22.04 51.95
C GLU C 175 -17.22 -23.44 51.43
N TYR C 176 -17.03 -23.57 50.12
CA TYR C 176 -16.77 -24.89 49.55
C TYR C 176 -15.37 -25.15 49.02
N ALA C 177 -14.46 -24.21 49.26
CA ALA C 177 -13.08 -24.38 48.81
C ALA C 177 -12.46 -25.66 49.40
N PRO C 178 -12.73 -25.97 50.67
CA PRO C 178 -12.16 -27.19 51.27
C PRO C 178 -12.54 -28.47 50.52
N LYS C 179 -13.66 -28.42 49.80
CA LYS C 179 -14.13 -29.60 49.06
C LYS C 179 -13.67 -29.59 47.60
N GLY C 180 -12.81 -28.64 47.26
CA GLY C 180 -12.30 -28.56 45.90
C GLY C 180 -13.27 -28.02 44.87
N ILE C 181 -14.34 -27.39 45.32
CA ILE C 181 -15.33 -26.80 44.42
C ILE C 181 -14.96 -25.35 44.18
N ARG C 182 -14.70 -24.99 42.93
CA ARG C 182 -14.34 -23.62 42.60
C ARG C 182 -15.56 -22.84 42.12
N VAL C 183 -15.68 -21.59 42.54
CA VAL C 183 -16.80 -20.75 42.14
C VAL C 183 -16.20 -19.41 41.72
N ASN C 184 -16.46 -19.02 40.48
CA ASN C 184 -15.91 -17.77 39.94
C ASN C 184 -16.92 -16.99 39.13
N ASN C 185 -16.67 -15.69 39.00
CA ASN C 185 -17.52 -14.80 38.21
C ASN C 185 -16.78 -14.36 36.96
N ILE C 186 -17.52 -14.13 35.89
CA ILE C 186 -16.95 -13.58 34.68
C ILE C 186 -17.65 -12.22 34.60
N GLY C 187 -16.88 -11.16 34.37
CA GLY C 187 -17.46 -9.83 34.31
C GLY C 187 -17.29 -9.20 32.94
N PRO C 188 -18.23 -9.45 32.01
CA PRO C 188 -18.13 -8.88 30.66
C PRO C 188 -18.44 -7.39 30.63
N GLY C 189 -17.79 -6.70 29.70
CA GLY C 189 -18.04 -5.28 29.50
C GLY C 189 -19.12 -5.24 28.43
N ALA C 190 -18.98 -4.37 27.43
CA ALA C 190 -19.99 -4.29 26.37
C ALA C 190 -19.68 -5.35 25.31
N ILE C 191 -20.60 -6.29 25.13
CA ILE C 191 -20.41 -7.37 24.16
C ILE C 191 -21.49 -7.38 23.10
N ASN C 192 -21.09 -7.75 21.88
CA ASN C 192 -22.01 -7.80 20.75
C ASN C 192 -22.96 -9.00 20.82
N THR C 193 -24.11 -8.80 21.45
CA THR C 193 -25.13 -9.85 21.57
C THR C 193 -26.49 -9.23 21.23
N PRO C 194 -27.56 -10.04 21.18
CA PRO C 194 -28.89 -9.51 20.86
C PRO C 194 -29.42 -8.50 21.88
N ILE C 195 -28.94 -8.59 23.11
CA ILE C 195 -29.38 -7.68 24.16
C ILE C 195 -28.95 -6.24 23.86
N ASN C 196 -28.00 -6.09 22.94
CA ASN C 196 -27.50 -4.77 22.56
C ASN C 196 -27.56 -4.51 21.05
N ALA C 197 -28.25 -5.40 20.33
CA ALA C 197 -28.37 -5.29 18.87
C ALA C 197 -28.89 -3.92 18.40
N GLU C 198 -30.05 -3.52 18.92
CA GLU C 198 -30.67 -2.26 18.55
C GLU C 198 -29.80 -1.07 18.99
N LYS C 199 -29.28 -1.14 20.21
CA LYS C 199 -28.45 -0.07 20.74
C LYS C 199 -27.22 0.17 19.87
N PHE C 200 -26.56 -0.91 19.47
CA PHE C 200 -25.35 -0.81 18.65
C PHE C 200 -25.66 -0.59 17.17
N ALA C 201 -26.93 -0.72 16.81
CA ALA C 201 -27.33 -0.51 15.41
C ALA C 201 -27.19 0.98 15.11
N ASP C 202 -27.61 1.81 16.05
CA ASP C 202 -27.55 3.25 15.91
C ASP C 202 -26.08 3.70 15.97
N PRO C 203 -25.59 4.33 14.90
CA PRO C 203 -24.21 4.80 14.83
C PRO C 203 -23.80 5.75 15.96
N GLU C 204 -24.75 6.56 16.42
CA GLU C 204 -24.47 7.51 17.49
C GLU C 204 -24.30 6.79 18.83
N GLN C 205 -25.15 5.79 19.07
CA GLN C 205 -25.06 5.04 20.32
C GLN C 205 -23.82 4.16 20.35
N ARG C 206 -23.51 3.51 19.23
CA ARG C 206 -22.33 2.65 19.17
C ARG C 206 -21.09 3.47 19.48
N ALA C 207 -20.97 4.63 18.84
CA ALA C 207 -19.82 5.49 19.05
C ALA C 207 -19.74 5.91 20.51
N ASP C 208 -20.90 6.12 21.12
CA ASP C 208 -20.96 6.52 22.52
C ASP C 208 -20.41 5.41 23.41
N VAL C 209 -20.84 4.17 23.15
CA VAL C 209 -20.38 3.04 23.94
C VAL C 209 -18.89 2.79 23.71
N GLU C 210 -18.45 2.87 22.47
CA GLU C 210 -17.04 2.65 22.16
C GLU C 210 -16.14 3.67 22.85
N SER C 211 -16.67 4.86 23.09
CA SER C 211 -15.88 5.90 23.75
C SER C 211 -15.64 5.57 25.22
N MET C 212 -16.40 4.61 25.74
CA MET C 212 -16.27 4.21 27.14
C MET C 212 -15.41 2.96 27.27
N ILE C 213 -14.89 2.48 26.15
CA ILE C 213 -14.05 1.29 26.14
C ILE C 213 -12.63 1.66 25.73
N PRO C 214 -11.69 1.64 26.68
CA PRO C 214 -10.29 1.99 26.39
C PRO C 214 -9.69 1.29 25.18
N MET C 215 -9.96 0.00 25.02
CA MET C 215 -9.43 -0.73 23.87
C MET C 215 -10.07 -0.29 22.55
N GLY C 216 -11.16 0.47 22.65
CA GLY C 216 -11.80 1.01 21.47
C GLY C 216 -12.77 0.16 20.66
N TYR C 217 -13.09 -1.04 21.14
CA TYR C 217 -14.01 -1.88 20.39
C TYR C 217 -14.93 -2.70 21.29
N ILE C 218 -16.12 -2.97 20.79
CA ILE C 218 -17.11 -3.76 21.51
C ILE C 218 -16.69 -5.23 21.33
N GLY C 219 -16.59 -5.95 22.44
CA GLY C 219 -16.16 -7.33 22.36
C GLY C 219 -17.13 -8.28 21.69
N GLU C 220 -16.59 -9.41 21.24
CA GLU C 220 -17.41 -10.44 20.59
C GLU C 220 -17.69 -11.54 21.61
N PRO C 221 -18.81 -12.24 21.46
CA PRO C 221 -19.19 -13.32 22.39
C PRO C 221 -18.08 -14.36 22.57
N GLU C 222 -17.36 -14.66 21.50
CA GLU C 222 -16.29 -15.65 21.57
C GLU C 222 -15.20 -15.26 22.57
N GLU C 223 -15.00 -13.96 22.76
CA GLU C 223 -13.97 -13.49 23.68
C GLU C 223 -14.37 -13.76 25.13
N ILE C 224 -15.67 -13.90 25.36
CA ILE C 224 -16.16 -14.19 26.70
C ILE C 224 -16.18 -15.71 26.86
N ALA C 225 -16.56 -16.43 25.81
CA ALA C 225 -16.60 -17.88 25.85
C ALA C 225 -15.19 -18.42 26.14
N ALA C 226 -14.17 -17.70 25.67
CA ALA C 226 -12.80 -18.11 25.89
C ALA C 226 -12.49 -18.07 27.39
N VAL C 227 -13.02 -17.06 28.07
CA VAL C 227 -12.79 -16.94 29.50
C VAL C 227 -13.47 -18.07 30.26
N ALA C 228 -14.70 -18.40 29.87
CA ALA C 228 -15.44 -19.46 30.53
C ALA C 228 -14.75 -20.81 30.38
N ALA C 229 -14.24 -21.08 29.17
CA ALA C 229 -13.56 -22.34 28.92
C ALA C 229 -12.31 -22.47 29.79
N TRP C 230 -11.54 -21.40 29.90
CA TRP C 230 -10.32 -21.44 30.71
C TRP C 230 -10.64 -21.64 32.20
N LEU C 231 -11.61 -20.87 32.72
CA LEU C 231 -11.98 -20.99 34.12
C LEU C 231 -12.50 -22.36 34.49
N ALA C 232 -13.13 -23.04 33.53
CA ALA C 232 -13.66 -24.38 33.79
C ALA C 232 -12.58 -25.45 33.75
N SER C 233 -11.49 -25.15 33.05
CA SER C 233 -10.38 -26.09 32.90
C SER C 233 -9.48 -26.20 34.12
N SER C 234 -8.67 -27.26 34.12
CA SER C 234 -7.72 -27.50 35.20
C SER C 234 -6.57 -26.51 35.16
N GLU C 235 -6.49 -25.71 34.10
CA GLU C 235 -5.42 -24.71 34.00
C GLU C 235 -5.65 -23.68 35.10
N ALA C 236 -6.91 -23.49 35.46
CA ALA C 236 -7.28 -22.53 36.50
C ALA C 236 -7.53 -23.25 37.82
N SER C 237 -6.78 -24.33 38.05
CA SER C 237 -6.94 -25.13 39.26
C SER C 237 -6.83 -24.42 40.60
N TYR C 238 -6.02 -23.35 40.67
CA TYR C 238 -5.83 -22.64 41.94
C TYR C 238 -6.60 -21.32 41.97
N VAL C 239 -7.54 -21.16 41.05
CA VAL C 239 -8.33 -19.94 40.97
C VAL C 239 -9.76 -20.10 41.46
N THR C 240 -10.12 -19.37 42.51
CA THR C 240 -11.49 -19.45 43.00
C THR C 240 -11.89 -18.15 43.71
N GLY C 241 -13.19 -17.82 43.61
CA GLY C 241 -13.71 -16.62 44.26
C GLY C 241 -13.45 -15.31 43.57
N ILE C 242 -12.84 -15.35 42.38
CA ILE C 242 -12.55 -14.10 41.69
C ILE C 242 -13.60 -13.70 40.69
N THR C 243 -13.45 -12.48 40.19
CA THR C 243 -14.31 -11.98 39.12
C THR C 243 -13.27 -11.64 38.06
N LEU C 244 -13.35 -12.34 36.93
CA LEU C 244 -12.41 -12.08 35.85
C LEU C 244 -13.12 -11.15 34.89
N PHE C 245 -12.71 -9.89 34.89
CA PHE C 245 -13.31 -8.90 34.00
C PHE C 245 -12.70 -9.01 32.62
N ALA C 246 -13.57 -9.05 31.61
CA ALA C 246 -13.16 -9.10 30.20
C ALA C 246 -13.98 -7.93 29.67
N ASP C 247 -13.40 -6.74 29.76
CA ASP C 247 -14.12 -5.52 29.41
C ASP C 247 -13.38 -4.49 28.58
N GLY C 248 -12.25 -4.86 27.99
CA GLY C 248 -11.50 -3.91 27.20
C GLY C 248 -11.03 -2.70 28.00
N GLY C 249 -10.99 -2.84 29.32
CA GLY C 249 -10.53 -1.75 30.16
C GLY C 249 -11.61 -0.85 30.77
N MET C 250 -12.87 -1.20 30.58
CA MET C 250 -13.98 -0.39 31.08
C MET C 250 -13.89 -0.08 32.58
N THR C 251 -13.51 -1.06 33.38
CA THR C 251 -13.43 -0.83 34.83
C THR C 251 -12.23 0.03 35.27
N GLN C 252 -11.43 0.47 34.32
CA GLN C 252 -10.27 1.30 34.64
C GLN C 252 -10.54 2.81 34.59
N TYR C 253 -11.82 3.18 34.60
CA TYR C 253 -12.25 4.59 34.58
C TYR C 253 -11.87 5.30 33.29
N PRO C 254 -12.60 5.02 32.20
CA PRO C 254 -12.35 5.62 30.89
C PRO C 254 -12.30 7.14 30.80
N SER C 255 -13.00 7.83 31.68
CA SER C 255 -13.01 9.29 31.63
C SER C 255 -11.68 9.93 32.03
N PHE C 256 -10.79 9.14 32.62
CA PHE C 256 -9.50 9.68 33.05
C PHE C 256 -8.34 9.51 32.08
N GLN C 257 -8.64 9.13 30.84
CA GLN C 257 -7.59 9.00 29.85
C GLN C 257 -7.01 10.38 29.55
N ALA C 258 -5.75 10.41 29.13
CA ALA C 258 -5.07 11.66 28.79
C ALA C 258 -4.80 12.54 30.01
N GLY C 259 -4.71 11.91 31.17
CA GLY C 259 -4.45 12.65 32.39
C GLY C 259 -5.45 13.74 32.74
N ARG C 260 -6.72 13.48 32.49
CA ARG C 260 -7.77 14.45 32.80
C ARG C 260 -8.03 14.51 34.30
N GLY C 261 -8.76 15.53 34.73
CA GLY C 261 -9.08 15.69 36.14
C GLY C 261 -7.98 16.37 36.94
N MET D 1 -23.45 18.61 68.79
CA MET D 1 -22.11 18.64 68.12
C MET D 1 -22.20 19.24 66.71
N TYR D 2 -23.19 18.80 65.95
CA TYR D 2 -23.37 19.31 64.60
C TYR D 2 -24.57 20.25 64.55
N LYS D 3 -24.29 21.55 64.60
CA LYS D 3 -25.33 22.57 64.60
C LYS D 3 -26.32 22.49 63.45
N ASP D 4 -25.86 22.03 62.29
CA ASP D 4 -26.73 21.95 61.13
C ASP D 4 -27.81 20.86 61.22
N LEU D 5 -27.66 19.94 62.16
CA LEU D 5 -28.64 18.88 62.33
C LEU D 5 -29.87 19.33 63.11
N GLU D 6 -29.77 20.47 63.79
CA GLU D 6 -30.91 20.95 64.55
C GLU D 6 -32.10 21.22 63.64
N GLY D 7 -33.24 20.62 63.98
CA GLY D 7 -34.44 20.82 63.20
C GLY D 7 -34.60 19.91 62.00
N LYS D 8 -33.56 19.14 61.68
CA LYS D 8 -33.62 18.21 60.56
C LYS D 8 -34.52 17.04 60.95
N VAL D 9 -35.26 16.51 59.98
CA VAL D 9 -36.15 15.39 60.23
C VAL D 9 -35.47 14.12 59.75
N VAL D 10 -35.30 13.18 60.68
CA VAL D 10 -34.63 11.91 60.40
C VAL D 10 -35.54 10.71 60.62
N VAL D 11 -35.63 9.85 59.60
CA VAL D 11 -36.44 8.65 59.68
C VAL D 11 -35.48 7.48 59.72
N ILE D 12 -35.67 6.55 60.67
CA ILE D 12 -34.79 5.39 60.81
C ILE D 12 -35.61 4.12 60.88
N THR D 13 -35.43 3.20 59.92
CA THR D 13 -36.19 1.96 59.96
C THR D 13 -35.58 1.02 60.99
N GLY D 14 -36.42 0.16 61.57
CA GLY D 14 -35.95 -0.78 62.58
C GLY D 14 -35.18 -0.09 63.70
N SER D 15 -35.75 1.00 64.21
CA SER D 15 -35.08 1.77 65.25
C SER D 15 -35.59 1.59 66.68
N SER D 16 -36.31 0.52 66.95
CA SER D 16 -36.80 0.29 68.31
C SER D 16 -35.76 -0.47 69.12
N THR D 17 -34.73 -0.98 68.44
CA THR D 17 -33.66 -1.72 69.11
C THR D 17 -32.30 -1.50 68.44
N GLY D 18 -31.27 -2.03 69.09
CA GLY D 18 -29.90 -1.97 68.58
C GLY D 18 -29.35 -0.69 68.01
N LEU D 19 -28.68 -0.80 66.85
CA LEU D 19 -28.09 0.35 66.20
C LEU D 19 -29.11 1.42 65.86
N GLY D 20 -30.30 1.01 65.43
CA GLY D 20 -31.33 1.96 65.08
C GLY D 20 -31.71 2.81 66.27
N LYS D 21 -31.86 2.17 67.42
CA LYS D 21 -32.20 2.87 68.66
C LYS D 21 -31.10 3.85 69.04
N SER D 22 -29.85 3.39 68.97
CA SER D 22 -28.73 4.26 69.32
C SER D 22 -28.66 5.47 68.40
N MET D 23 -28.92 5.27 67.11
CA MET D 23 -28.88 6.38 66.18
C MET D 23 -30.02 7.35 66.47
N ALA D 24 -31.19 6.81 66.80
CA ALA D 24 -32.34 7.65 67.10
C ALA D 24 -32.02 8.58 68.27
N ILE D 25 -31.41 8.01 69.31
CA ILE D 25 -31.04 8.78 70.49
C ILE D 25 -29.96 9.82 70.17
N ARG D 26 -28.97 9.43 69.37
CA ARG D 26 -27.90 10.35 69.01
C ARG D 26 -28.44 11.53 68.21
N PHE D 27 -29.30 11.27 67.23
CA PHE D 27 -29.86 12.36 66.44
C PHE D 27 -30.75 13.26 67.30
N ALA D 28 -31.44 12.69 68.28
CA ALA D 28 -32.27 13.48 69.17
C ALA D 28 -31.37 14.42 69.96
N THR D 29 -30.21 13.92 70.36
CA THR D 29 -29.25 14.72 71.11
C THR D 29 -28.72 15.87 70.26
N GLU D 30 -28.71 15.66 68.94
CA GLU D 30 -28.24 16.68 68.00
C GLU D 30 -29.40 17.63 67.68
N LYS D 31 -30.50 17.46 68.40
CA LYS D 31 -31.71 18.28 68.24
C LYS D 31 -32.47 18.09 66.93
N ALA D 32 -32.32 16.91 66.32
CA ALA D 32 -33.03 16.61 65.10
C ALA D 32 -34.37 16.00 65.53
N LYS D 33 -35.36 16.05 64.64
CA LYS D 33 -36.66 15.47 64.92
C LYS D 33 -36.58 14.05 64.37
N VAL D 34 -36.90 13.07 65.21
CA VAL D 34 -36.79 11.68 64.81
C VAL D 34 -38.08 10.89 64.66
N VAL D 35 -38.11 10.07 63.63
CA VAL D 35 -39.25 9.20 63.36
C VAL D 35 -38.75 7.77 63.58
N VAL D 36 -39.19 7.17 64.68
CA VAL D 36 -38.80 5.82 65.04
C VAL D 36 -39.74 4.84 64.35
N ASN D 37 -39.24 3.66 64.03
CA ASN D 37 -40.03 2.65 63.35
C ASN D 37 -39.96 1.30 64.04
N TYR D 38 -41.12 0.68 64.20
CA TYR D 38 -41.22 -0.64 64.82
C TYR D 38 -42.05 -1.50 63.88
N ARG D 39 -41.80 -2.81 63.91
CA ARG D 39 -42.50 -3.73 63.01
C ARG D 39 -43.92 -4.17 63.37
N SER D 40 -44.14 -4.60 64.61
CA SER D 40 -45.48 -5.06 64.97
C SER D 40 -46.10 -4.46 66.23
N LYS D 41 -45.49 -4.71 67.38
CA LYS D 41 -46.00 -4.21 68.65
C LYS D 41 -45.54 -2.79 68.95
N GLU D 42 -46.49 -1.91 69.25
CA GLU D 42 -46.18 -0.51 69.56
C GLU D 42 -45.32 -0.39 70.82
N ASP D 43 -45.42 -1.38 71.70
CA ASP D 43 -44.63 -1.37 72.93
C ASP D 43 -43.14 -1.46 72.65
N GLU D 44 -42.79 -2.00 71.50
CA GLU D 44 -41.39 -2.16 71.10
C GLU D 44 -40.62 -0.84 71.17
N ALA D 45 -41.29 0.24 70.76
CA ALA D 45 -40.67 1.56 70.73
C ALA D 45 -40.74 2.36 72.02
N ASN D 46 -41.31 1.79 73.08
CA ASN D 46 -41.41 2.50 74.34
C ASN D 46 -40.05 2.97 74.85
N SER D 47 -39.10 2.03 74.91
CA SER D 47 -37.76 2.33 75.40
C SER D 47 -37.06 3.47 74.68
N VAL D 48 -37.03 3.41 73.34
CA VAL D 48 -36.37 4.46 72.57
C VAL D 48 -37.07 5.81 72.73
N LEU D 49 -38.40 5.81 72.78
CA LEU D 49 -39.12 7.07 72.94
C LEU D 49 -38.82 7.71 74.29
N GLU D 50 -38.68 6.89 75.33
CA GLU D 50 -38.38 7.40 76.66
C GLU D 50 -36.98 8.00 76.72
N GLU D 51 -36.04 7.35 76.07
CA GLU D 51 -34.66 7.82 76.06
C GLU D 51 -34.56 9.14 75.29
N ILE D 52 -35.41 9.30 74.28
CA ILE D 52 -35.40 10.53 73.49
C ILE D 52 -36.01 11.68 74.28
N LYS D 53 -36.98 11.38 75.13
CA LYS D 53 -37.60 12.42 75.95
C LYS D 53 -36.62 12.88 77.02
N LYS D 54 -35.83 11.94 77.54
CA LYS D 54 -34.85 12.25 78.57
C LYS D 54 -33.87 13.30 78.07
N VAL D 55 -33.53 13.23 76.78
CA VAL D 55 -32.60 14.17 76.20
C VAL D 55 -33.31 15.40 75.64
N GLY D 56 -34.58 15.55 75.98
CA GLY D 56 -35.34 16.70 75.52
C GLY D 56 -35.59 16.69 74.02
N GLY D 57 -35.59 15.51 73.43
CA GLY D 57 -35.82 15.40 72.00
C GLY D 57 -37.28 15.27 71.62
N GLU D 58 -37.55 15.40 70.33
CA GLU D 58 -38.91 15.30 69.81
C GLU D 58 -38.95 14.14 68.82
N ALA D 59 -39.89 13.22 69.01
CA ALA D 59 -40.00 12.06 68.13
C ALA D 59 -41.37 11.40 68.16
N ILE D 60 -41.62 10.59 67.14
CA ILE D 60 -42.86 9.83 67.03
C ILE D 60 -42.47 8.43 66.58
N ALA D 61 -43.35 7.46 66.83
CA ALA D 61 -43.09 6.09 66.43
C ALA D 61 -44.13 5.69 65.41
N VAL D 62 -43.69 5.09 64.31
CA VAL D 62 -44.59 4.67 63.25
C VAL D 62 -44.41 3.20 62.94
N LYS D 63 -45.51 2.46 62.92
CA LYS D 63 -45.48 1.04 62.62
C LYS D 63 -45.24 0.83 61.13
N GLY D 64 -44.43 -0.16 60.79
CA GLY D 64 -44.16 -0.43 59.39
C GLY D 64 -43.21 -1.57 59.14
N ASP D 65 -43.60 -2.45 58.22
CA ASP D 65 -42.81 -3.61 57.83
C ASP D 65 -42.13 -3.18 56.53
N VAL D 66 -40.80 -3.14 56.50
CA VAL D 66 -40.10 -2.69 55.31
C VAL D 66 -40.23 -3.59 54.09
N THR D 67 -40.87 -4.75 54.24
CA THR D 67 -41.06 -5.64 53.10
C THR D 67 -42.42 -5.38 52.46
N VAL D 68 -43.18 -4.47 53.07
CA VAL D 68 -44.50 -4.10 52.57
C VAL D 68 -44.40 -2.69 51.98
N GLU D 69 -44.52 -2.60 50.66
CA GLU D 69 -44.41 -1.31 49.98
C GLU D 69 -45.25 -0.18 50.56
N SER D 70 -46.54 -0.45 50.78
CA SER D 70 -47.41 0.58 51.33
C SER D 70 -46.96 1.07 52.71
N ASP D 71 -46.30 0.18 53.46
CA ASP D 71 -45.81 0.53 54.80
C ASP D 71 -44.64 1.51 54.69
N VAL D 72 -43.76 1.28 53.72
CA VAL D 72 -42.62 2.16 53.54
C VAL D 72 -43.09 3.52 53.04
N ILE D 73 -44.03 3.52 52.11
CA ILE D 73 -44.57 4.78 51.60
C ILE D 73 -45.19 5.57 52.75
N ASN D 74 -45.97 4.88 53.58
CA ASN D 74 -46.63 5.53 54.71
C ASN D 74 -45.62 6.06 55.74
N LEU D 75 -44.53 5.32 55.92
CA LEU D 75 -43.50 5.75 56.87
C LEU D 75 -42.93 7.11 56.48
N VAL D 76 -42.60 7.27 55.20
CA VAL D 76 -42.06 8.52 54.72
C VAL D 76 -43.10 9.64 54.80
N GLN D 77 -44.33 9.33 54.38
CA GLN D 77 -45.40 10.32 54.42
C GLN D 77 -45.72 10.77 55.84
N SER D 78 -45.62 9.83 56.79
CA SER D 78 -45.90 10.16 58.20
C SER D 78 -44.91 11.19 58.74
N ALA D 79 -43.66 11.11 58.30
CA ALA D 79 -42.65 12.05 58.75
C ALA D 79 -42.98 13.45 58.23
N ILE D 80 -43.36 13.52 56.97
CA ILE D 80 -43.70 14.78 56.33
C ILE D 80 -44.96 15.39 56.94
N LYS D 81 -45.93 14.55 57.26
CA LYS D 81 -47.19 15.02 57.83
C LYS D 81 -47.00 15.54 59.25
N GLU D 82 -46.17 14.85 60.02
CA GLU D 82 -45.92 15.22 61.41
C GLU D 82 -44.96 16.39 61.57
N PHE D 83 -43.83 16.33 60.88
CA PHE D 83 -42.82 17.38 60.99
C PHE D 83 -42.72 18.35 59.81
N GLY D 84 -43.52 18.11 58.77
CA GLY D 84 -43.51 19.00 57.62
C GLY D 84 -42.46 18.79 56.54
N LYS D 85 -41.49 17.91 56.81
CA LYS D 85 -40.42 17.67 55.84
C LYS D 85 -39.64 16.41 56.19
N LEU D 86 -38.70 16.06 55.32
CA LEU D 86 -37.83 14.90 55.52
C LEU D 86 -36.44 15.34 55.07
N ASP D 87 -35.44 15.07 55.90
CA ASP D 87 -34.07 15.47 55.55
C ASP D 87 -33.11 14.30 55.44
N VAL D 88 -33.27 13.33 56.33
CA VAL D 88 -32.39 12.17 56.35
C VAL D 88 -33.17 10.88 56.43
N MET D 89 -32.87 9.94 55.54
CA MET D 89 -33.52 8.64 55.52
C MET D 89 -32.46 7.61 55.84
N ILE D 90 -32.68 6.82 56.88
CA ILE D 90 -31.72 5.78 57.26
C ILE D 90 -32.37 4.41 57.21
N ASN D 91 -31.93 3.59 56.26
CA ASN D 91 -32.45 2.24 56.10
C ASN D 91 -31.57 1.33 56.94
N ASN D 92 -32.10 0.93 58.09
CA ASN D 92 -31.36 0.14 59.05
C ASN D 92 -31.91 -1.26 59.34
N ALA D 93 -33.20 -1.47 59.10
CA ALA D 93 -33.81 -2.77 59.38
C ALA D 93 -33.07 -3.91 58.66
N GLY D 94 -32.96 -5.04 59.34
CA GLY D 94 -32.29 -6.18 58.73
C GLY D 94 -32.40 -7.43 59.57
N LEU D 95 -32.09 -8.57 58.96
CA LEU D 95 -32.13 -9.83 59.68
C LEU D 95 -31.12 -10.78 59.08
N GLU D 96 -30.84 -11.85 59.82
CA GLU D 96 -29.86 -12.84 59.38
C GLU D 96 -30.10 -14.14 60.13
N ASN D 97 -29.73 -15.25 59.51
CA ASN D 97 -29.85 -16.56 60.14
C ASN D 97 -28.86 -17.48 59.42
N PRO D 98 -28.16 -18.34 60.17
CA PRO D 98 -27.18 -19.25 59.57
C PRO D 98 -27.73 -20.54 58.99
N VAL D 99 -27.30 -20.87 57.77
CA VAL D 99 -27.70 -22.11 57.09
C VAL D 99 -26.65 -22.41 56.03
N SER D 100 -26.18 -23.66 55.95
CA SER D 100 -25.21 -24.01 54.92
C SER D 100 -25.86 -23.64 53.60
N SER D 101 -25.09 -23.00 52.72
CA SER D 101 -25.63 -22.56 51.44
C SER D 101 -26.34 -23.61 50.59
N HIS D 102 -25.78 -24.81 50.49
CA HIS D 102 -26.42 -25.83 49.67
C HIS D 102 -27.68 -26.39 50.32
N GLU D 103 -27.94 -26.01 51.55
CA GLU D 103 -29.13 -26.47 52.29
C GLU D 103 -30.13 -25.35 52.54
N MET D 104 -29.80 -24.14 52.10
CA MET D 104 -30.67 -22.99 52.32
C MET D 104 -31.93 -23.01 51.46
N SER D 105 -33.07 -22.85 52.11
CA SER D 105 -34.35 -22.85 51.40
C SER D 105 -34.55 -21.51 50.68
N LEU D 106 -35.36 -21.53 49.64
CA LEU D 106 -35.65 -20.31 48.88
C LEU D 106 -36.36 -19.34 49.82
N SER D 107 -37.15 -19.88 50.74
CA SER D 107 -37.88 -19.06 51.70
C SER D 107 -36.95 -18.22 52.57
N ASP D 108 -35.91 -18.85 53.11
CA ASP D 108 -34.95 -18.14 53.95
C ASP D 108 -34.18 -17.12 53.12
N TRP D 109 -33.79 -17.52 51.92
CA TRP D 109 -33.05 -16.62 51.04
C TRP D 109 -33.88 -15.38 50.75
N ASN D 110 -35.14 -15.57 50.35
CA ASN D 110 -36.02 -14.45 50.04
C ASN D 110 -36.28 -13.54 51.22
N LYS D 111 -36.47 -14.11 52.40
CA LYS D 111 -36.76 -13.30 53.58
C LYS D 111 -35.64 -12.28 53.82
N VAL D 112 -34.39 -12.74 53.72
CA VAL D 112 -33.25 -11.86 53.93
C VAL D 112 -33.07 -10.85 52.80
N ILE D 113 -33.23 -11.31 51.55
CA ILE D 113 -33.09 -10.41 50.41
C ILE D 113 -34.19 -9.34 50.47
N ASP D 114 -35.42 -9.78 50.71
CA ASP D 114 -36.55 -8.86 50.78
C ASP D 114 -36.37 -7.79 51.85
N THR D 115 -35.93 -8.19 53.03
CA THR D 115 -35.77 -7.25 54.13
C THR D 115 -34.53 -6.38 54.03
N ASN D 116 -33.37 -7.01 53.87
CA ASN D 116 -32.09 -6.31 53.81
C ASN D 116 -31.80 -5.49 52.58
N LEU D 117 -32.19 -6.00 51.42
CA LEU D 117 -31.93 -5.30 50.18
C LEU D 117 -33.14 -4.56 49.62
N THR D 118 -34.19 -5.30 49.33
CA THR D 118 -35.39 -4.67 48.76
C THR D 118 -35.98 -3.63 49.70
N GLY D 119 -35.96 -3.92 51.00
CA GLY D 119 -36.50 -2.98 51.97
C GLY D 119 -35.73 -1.67 51.92
N ALA D 120 -34.42 -1.75 51.77
CA ALA D 120 -33.57 -0.57 51.70
C ALA D 120 -33.83 0.17 50.38
N PHE D 121 -34.09 -0.58 49.31
CA PHE D 121 -34.37 0.03 48.03
C PHE D 121 -35.66 0.86 48.13
N LEU D 122 -36.69 0.26 48.73
CA LEU D 122 -37.97 0.94 48.87
C LEU D 122 -37.83 2.23 49.69
N GLY D 123 -37.10 2.14 50.80
CA GLY D 123 -36.89 3.31 51.63
C GLY D 123 -36.11 4.38 50.89
N SER D 124 -35.08 3.96 50.17
CA SER D 124 -34.27 4.91 49.41
C SER D 124 -35.12 5.55 48.31
N ARG D 125 -35.88 4.72 47.60
CA ARG D 125 -36.73 5.19 46.51
C ARG D 125 -37.70 6.26 46.97
N GLU D 126 -38.43 5.98 48.05
CA GLU D 126 -39.41 6.92 48.57
C GLU D 126 -38.80 8.23 49.07
N ALA D 127 -37.66 8.15 49.74
CA ALA D 127 -36.99 9.35 50.24
C ALA D 127 -36.49 10.20 49.08
N ILE D 128 -35.84 9.56 48.12
CA ILE D 128 -35.31 10.28 46.96
C ILE D 128 -36.43 10.87 46.11
N LYS D 129 -37.53 10.13 45.96
CA LYS D 129 -38.66 10.62 45.18
C LYS D 129 -39.09 11.95 45.79
N TYR D 130 -39.19 11.98 47.12
CA TYR D 130 -39.59 13.19 47.82
C TYR D 130 -38.56 14.31 47.64
N PHE D 131 -37.28 13.97 47.79
CA PHE D 131 -36.20 14.95 47.63
C PHE D 131 -36.22 15.59 46.24
N VAL D 132 -36.39 14.76 45.22
CA VAL D 132 -36.41 15.22 43.84
C VAL D 132 -37.62 16.09 43.51
N GLU D 133 -38.80 15.68 43.98
CA GLU D 133 -40.02 16.44 43.70
C GLU D 133 -40.11 17.76 44.47
N ASN D 134 -39.30 17.90 45.51
CA ASN D 134 -39.32 19.12 46.31
C ASN D 134 -37.99 19.87 46.36
N ASP D 135 -37.08 19.52 45.44
CA ASP D 135 -35.78 20.14 45.37
C ASP D 135 -35.07 20.25 46.71
N ILE D 136 -35.05 19.14 47.45
CA ILE D 136 -34.39 19.11 48.74
C ILE D 136 -33.09 18.33 48.62
N LYS D 137 -32.00 18.90 49.12
CA LYS D 137 -30.71 18.23 49.07
C LYS D 137 -30.60 17.35 50.30
N GLY D 138 -31.41 16.30 50.32
CA GLY D 138 -31.42 15.39 51.44
C GLY D 138 -30.34 14.32 51.33
N THR D 139 -30.33 13.41 52.29
CA THR D 139 -29.34 12.36 52.28
C THR D 139 -29.95 11.04 52.70
N VAL D 140 -29.41 9.96 52.16
CA VAL D 140 -29.87 8.63 52.49
C VAL D 140 -28.67 7.89 53.02
N ILE D 141 -28.83 7.25 54.16
CA ILE D 141 -27.75 6.47 54.75
C ILE D 141 -28.26 5.05 54.85
N ASN D 142 -27.53 4.12 54.24
CA ASN D 142 -27.92 2.72 54.28
C ASN D 142 -27.01 1.93 55.19
N MET D 143 -27.59 1.16 56.10
CA MET D 143 -26.82 0.37 57.03
C MET D 143 -26.40 -0.94 56.39
N SER D 144 -25.11 -1.03 56.08
CA SER D 144 -24.57 -2.22 55.45
C SER D 144 -23.87 -3.09 56.49
N SER D 145 -22.68 -3.58 56.15
CA SER D 145 -21.94 -4.47 57.04
C SER D 145 -20.57 -4.69 56.46
N VAL D 146 -19.64 -5.18 57.27
CA VAL D 146 -18.33 -5.50 56.73
C VAL D 146 -18.56 -6.58 55.68
N HIS D 147 -19.71 -7.25 55.77
CA HIS D 147 -20.00 -8.31 54.81
C HIS D 147 -20.50 -7.91 53.44
N GLU D 148 -20.33 -6.64 53.09
CA GLU D 148 -20.65 -6.21 51.73
C GLU D 148 -19.28 -6.38 51.04
N LYS D 149 -18.28 -6.72 51.84
CA LYS D 149 -16.91 -6.92 51.36
C LYS D 149 -16.35 -8.27 51.79
N ILE D 150 -16.56 -8.63 53.06
CA ILE D 150 -16.08 -9.90 53.59
C ILE D 150 -17.11 -11.00 53.33
N PRO D 151 -16.74 -12.07 52.61
CA PRO D 151 -17.68 -13.16 52.34
C PRO D 151 -18.16 -13.76 53.65
N TRP D 152 -19.31 -14.41 53.65
CA TRP D 152 -19.81 -14.97 54.90
C TRP D 152 -20.49 -16.32 54.78
N PRO D 153 -19.71 -17.41 54.83
CA PRO D 153 -20.26 -18.77 54.73
C PRO D 153 -21.34 -18.93 55.81
N LEU D 154 -22.42 -19.62 55.45
CA LEU D 154 -23.58 -19.83 56.33
C LEU D 154 -24.54 -18.65 56.28
N PHE D 155 -24.09 -17.54 55.70
CA PHE D 155 -24.93 -16.35 55.57
C PHE D 155 -24.84 -15.82 54.16
N VAL D 156 -24.92 -16.71 53.17
CA VAL D 156 -24.80 -16.28 51.78
C VAL D 156 -25.90 -15.29 51.39
N HIS D 157 -27.08 -15.42 51.97
CA HIS D 157 -28.17 -14.50 51.66
C HIS D 157 -27.86 -13.11 52.22
N TYR D 158 -27.29 -13.07 53.42
CA TYR D 158 -26.94 -11.80 54.04
C TYR D 158 -25.82 -11.11 53.24
N ALA D 159 -24.78 -11.87 52.92
CA ALA D 159 -23.67 -11.32 52.14
C ALA D 159 -24.17 -10.77 50.81
N ALA D 160 -25.00 -11.56 50.13
CA ALA D 160 -25.54 -11.12 48.85
C ALA D 160 -26.38 -9.84 49.03
N SER D 161 -27.16 -9.78 50.09
CA SER D 161 -27.99 -8.61 50.30
C SER D 161 -27.18 -7.34 50.52
N LYS D 162 -26.05 -7.45 51.22
CA LYS D 162 -25.23 -6.29 51.47
C LYS D 162 -24.34 -5.94 50.28
N GLY D 163 -23.90 -6.96 49.55
CA GLY D 163 -23.10 -6.70 48.36
C GLY D 163 -24.01 -5.96 47.39
N GLY D 164 -25.28 -6.34 47.39
CA GLY D 164 -26.25 -5.71 46.52
C GLY D 164 -26.49 -4.28 46.99
N MET D 165 -26.57 -4.10 48.30
CA MET D 165 -26.79 -2.76 48.87
C MET D 165 -25.67 -1.82 48.48
N LYS D 166 -24.44 -2.34 48.44
CA LYS D 166 -23.29 -1.51 48.06
C LYS D 166 -23.50 -0.92 46.67
N LEU D 167 -23.80 -1.77 45.69
CA LEU D 167 -24.00 -1.29 44.34
C LEU D 167 -25.23 -0.43 44.20
N MET D 168 -26.25 -0.70 45.03
CA MET D 168 -27.46 0.11 44.98
C MET D 168 -27.10 1.51 45.44
N THR D 169 -26.40 1.61 46.57
CA THR D 169 -25.99 2.90 47.11
C THR D 169 -25.09 3.68 46.15
N GLU D 170 -24.09 3.01 45.57
CA GLU D 170 -23.19 3.69 44.65
C GLU D 170 -23.93 4.18 43.42
N THR D 171 -24.92 3.39 42.97
CA THR D 171 -25.70 3.76 41.80
C THR D 171 -26.57 4.98 42.10
N LEU D 172 -27.26 4.96 43.24
CA LEU D 172 -28.10 6.08 43.63
C LEU D 172 -27.24 7.32 43.85
N ALA D 173 -26.06 7.14 44.44
CA ALA D 173 -25.17 8.27 44.68
C ALA D 173 -24.77 8.94 43.36
N LEU D 174 -24.43 8.14 42.36
CA LEU D 174 -24.04 8.68 41.06
C LEU D 174 -25.24 9.31 40.36
N GLU D 175 -26.37 8.61 40.39
CA GLU D 175 -27.58 9.04 39.73
C GLU D 175 -28.16 10.35 40.25
N TYR D 176 -28.06 10.59 41.55
CA TYR D 176 -28.62 11.81 42.12
C TYR D 176 -27.64 12.84 42.64
N ALA D 177 -26.35 12.61 42.39
CA ALA D 177 -25.32 13.56 42.83
C ALA D 177 -25.58 14.96 42.26
N PRO D 178 -25.99 15.05 40.98
CA PRO D 178 -26.24 16.37 40.39
C PRO D 178 -27.29 17.19 41.14
N LYS D 179 -28.16 16.51 41.86
CA LYS D 179 -29.23 17.18 42.61
C LYS D 179 -28.85 17.45 44.07
N GLY D 180 -27.59 17.17 44.40
CA GLY D 180 -27.12 17.41 45.76
C GLY D 180 -27.58 16.40 46.80
N ILE D 181 -28.08 15.26 46.34
CA ILE D 181 -28.54 14.22 47.26
C ILE D 181 -27.39 13.25 47.48
N ARG D 182 -26.97 13.12 48.72
CA ARG D 182 -25.85 12.22 49.05
C ARG D 182 -26.39 10.88 49.55
N VAL D 183 -25.76 9.79 49.11
CA VAL D 183 -26.18 8.46 49.52
C VAL D 183 -24.91 7.72 49.94
N ASN D 184 -24.88 7.25 51.18
CA ASN D 184 -23.71 6.57 51.70
C ASN D 184 -24.07 5.34 52.53
N ASN D 185 -23.11 4.42 52.65
CA ASN D 185 -23.28 3.21 53.44
C ASN D 185 -22.41 3.29 54.68
N ILE D 186 -22.87 2.67 55.76
CA ILE D 186 -22.07 2.56 56.97
C ILE D 186 -21.84 1.05 57.04
N GLY D 187 -20.60 0.64 57.28
CA GLY D 187 -20.29 -0.78 57.34
C GLY D 187 -19.78 -1.21 58.71
N PRO D 188 -20.69 -1.53 59.65
CA PRO D 188 -20.25 -1.94 60.98
C PRO D 188 -19.62 -3.33 61.01
N GLY D 189 -18.69 -3.51 61.95
CA GLY D 189 -18.06 -4.80 62.15
C GLY D 189 -18.91 -5.47 63.21
N ALA D 190 -18.29 -6.08 64.22
CA ALA D 190 -19.06 -6.73 65.29
C ALA D 190 -19.41 -5.70 66.34
N ILE D 191 -20.71 -5.47 66.53
CA ILE D 191 -21.18 -4.48 67.49
C ILE D 191 -22.07 -5.10 68.57
N ASN D 192 -21.94 -4.58 69.78
CA ASN D 192 -22.71 -5.07 70.92
C ASN D 192 -24.18 -4.64 70.85
N THR D 193 -25.01 -5.48 70.23
CA THR D 193 -26.44 -5.23 70.12
C THR D 193 -27.18 -6.53 70.46
N PRO D 194 -28.53 -6.47 70.54
CA PRO D 194 -29.29 -7.69 70.86
C PRO D 194 -29.15 -8.82 69.85
N ILE D 195 -28.81 -8.47 68.61
CA ILE D 195 -28.64 -9.47 67.55
C ILE D 195 -27.45 -10.39 67.85
N ASN D 196 -26.58 -9.96 68.77
CA ASN D 196 -25.41 -10.74 69.14
C ASN D 196 -25.31 -10.99 70.65
N ALA D 197 -26.37 -10.65 71.37
CA ALA D 197 -26.39 -10.81 72.83
C ALA D 197 -26.01 -12.22 73.30
N GLU D 198 -26.72 -13.22 72.79
CA GLU D 198 -26.48 -14.61 73.16
C GLU D 198 -25.09 -15.08 72.72
N LYS D 199 -24.72 -14.72 71.50
CA LYS D 199 -23.42 -15.09 70.95
C LYS D 199 -22.28 -14.57 71.81
N PHE D 200 -22.37 -13.31 72.21
CA PHE D 200 -21.33 -12.69 73.02
C PHE D 200 -21.43 -13.04 74.51
N ALA D 201 -22.53 -13.67 74.88
CA ALA D 201 -22.73 -14.08 76.27
C ALA D 201 -21.75 -15.20 76.58
N ASP D 202 -21.62 -16.13 75.62
CA ASP D 202 -20.72 -17.26 75.77
C ASP D 202 -19.27 -16.76 75.70
N PRO D 203 -18.49 -16.98 76.77
CA PRO D 203 -17.09 -16.56 76.83
C PRO D 203 -16.22 -17.10 75.69
N GLU D 204 -16.52 -18.31 75.23
CA GLU D 204 -15.74 -18.92 74.16
C GLU D 204 -16.04 -18.24 72.83
N GLN D 205 -17.31 -17.92 72.58
CA GLN D 205 -17.68 -17.26 71.34
C GLN D 205 -17.20 -15.83 71.31
N ARG D 206 -17.33 -15.12 72.42
CA ARG D 206 -16.86 -13.74 72.48
C ARG D 206 -15.37 -13.66 72.16
N ALA D 207 -14.59 -14.53 72.80
CA ALA D 207 -13.16 -14.57 72.58
C ALA D 207 -12.87 -14.86 71.12
N ASP D 208 -13.69 -15.71 70.52
CA ASP D 208 -13.51 -16.08 69.12
C ASP D 208 -13.72 -14.85 68.23
N VAL D 209 -14.78 -14.10 68.50
CA VAL D 209 -15.08 -12.91 67.71
C VAL D 209 -14.02 -11.84 67.92
N GLU D 210 -13.60 -11.65 69.17
CA GLU D 210 -12.59 -10.64 69.46
C GLU D 210 -11.27 -10.94 68.77
N SER D 211 -11.00 -12.22 68.52
CA SER D 211 -9.75 -12.61 67.87
C SER D 211 -9.76 -12.21 66.39
N MET D 212 -10.93 -11.88 65.88
CA MET D 212 -11.08 -11.48 64.48
C MET D 212 -11.10 -9.97 64.34
N ILE D 213 -10.97 -9.27 65.47
CA ILE D 213 -10.98 -7.80 65.47
C ILE D 213 -9.61 -7.29 65.87
N PRO D 214 -8.86 -6.73 64.91
CA PRO D 214 -7.52 -6.20 65.19
C PRO D 214 -7.45 -5.27 66.41
N MET D 215 -8.42 -4.38 66.56
CA MET D 215 -8.40 -3.46 67.70
C MET D 215 -8.65 -4.19 69.02
N GLY D 216 -9.10 -5.44 68.92
CA GLY D 216 -9.30 -6.26 70.11
C GLY D 216 -10.56 -6.14 70.94
N TYR D 217 -11.53 -5.35 70.48
CA TYR D 217 -12.76 -5.20 71.23
C TYR D 217 -13.97 -5.07 70.33
N ILE D 218 -15.11 -5.55 70.83
CA ILE D 218 -16.38 -5.48 70.12
C ILE D 218 -16.88 -4.05 70.30
N GLY D 219 -17.24 -3.40 69.20
CA GLY D 219 -17.70 -2.03 69.27
C GLY D 219 -19.03 -1.82 69.95
N GLU D 220 -19.27 -0.58 70.39
CA GLU D 220 -20.52 -0.22 71.04
C GLU D 220 -21.39 0.50 70.03
N PRO D 221 -22.71 0.41 70.20
CA PRO D 221 -23.64 1.06 69.27
C PRO D 221 -23.37 2.56 69.08
N GLU D 222 -22.94 3.22 70.15
CA GLU D 222 -22.65 4.65 70.08
C GLU D 222 -21.54 4.97 69.08
N GLU D 223 -20.62 4.03 68.88
CA GLU D 223 -19.52 4.25 67.94
C GLU D 223 -20.02 4.23 66.50
N ILE D 224 -21.15 3.58 66.27
CA ILE D 224 -21.73 3.54 64.94
C ILE D 224 -22.64 4.76 64.78
N ALA D 225 -23.35 5.11 65.84
CA ALA D 225 -24.23 6.27 65.81
C ALA D 225 -23.41 7.53 65.52
N ALA D 226 -22.17 7.54 65.97
CA ALA D 226 -21.28 8.68 65.75
C ALA D 226 -21.02 8.83 64.25
N VAL D 227 -20.87 7.71 63.55
CA VAL D 227 -20.61 7.73 62.12
C VAL D 227 -21.84 8.26 61.38
N ALA D 228 -23.03 7.80 61.77
CA ALA D 228 -24.26 8.23 61.12
C ALA D 228 -24.47 9.72 61.28
N ALA D 229 -24.21 10.24 62.47
CA ALA D 229 -24.39 11.67 62.73
C ALA D 229 -23.46 12.50 61.85
N TRP D 230 -22.20 12.07 61.74
CA TRP D 230 -21.25 12.82 60.91
C TRP D 230 -21.64 12.79 59.43
N LEU D 231 -21.97 11.61 58.91
CA LEU D 231 -22.36 11.48 57.50
C LEU D 231 -23.59 12.30 57.15
N ALA D 232 -24.49 12.49 58.11
CA ALA D 232 -25.71 13.25 57.86
C ALA D 232 -25.44 14.75 57.91
N SER D 233 -24.37 15.14 58.58
CA SER D 233 -24.02 16.55 58.73
C SER D 233 -23.37 17.18 57.51
N SER D 234 -23.31 18.51 57.51
CA SER D 234 -22.71 19.26 56.42
C SER D 234 -21.18 19.13 56.46
N GLU D 235 -20.65 18.52 57.51
CA GLU D 235 -19.21 18.34 57.60
C GLU D 235 -18.79 17.36 56.50
N ALA D 236 -19.70 16.46 56.14
CA ALA D 236 -19.45 15.47 55.11
C ALA D 236 -20.07 15.91 53.78
N SER D 237 -20.11 17.21 53.55
CA SER D 237 -20.72 17.77 52.35
C SER D 237 -20.21 17.25 51.01
N TYR D 238 -18.94 16.85 50.93
CA TYR D 238 -18.38 16.39 49.66
C TYR D 238 -18.23 14.87 49.62
N VAL D 239 -18.90 14.19 50.55
CA VAL D 239 -18.82 12.74 50.63
C VAL D 239 -20.09 12.04 50.16
N THR D 240 -19.96 11.23 49.11
CA THR D 240 -21.11 10.49 48.62
C THR D 240 -20.70 9.20 47.93
N GLY D 241 -21.55 8.18 48.03
CA GLY D 241 -21.29 6.90 47.37
C GLY D 241 -20.30 5.99 48.06
N ILE D 242 -19.81 6.37 49.23
CA ILE D 242 -18.83 5.54 49.93
C ILE D 242 -19.45 4.60 50.94
N THR D 243 -18.63 3.69 51.43
CA THR D 243 -19.02 2.80 52.50
C THR D 243 -17.98 3.12 53.56
N LEU D 244 -18.42 3.65 54.69
CA LEU D 244 -17.52 4.00 55.76
C LEU D 244 -17.55 2.82 56.73
N PHE D 245 -16.47 2.04 56.72
CA PHE D 245 -16.38 0.89 57.62
C PHE D 245 -15.93 1.35 59.00
N ALA D 246 -16.65 0.87 60.02
CA ALA D 246 -16.34 1.15 61.42
C ALA D 246 -16.32 -0.28 61.95
N ASP D 247 -15.15 -0.91 61.86
CA ASP D 247 -15.04 -2.31 62.20
C ASP D 247 -13.82 -2.72 63.02
N GLY D 248 -13.12 -1.77 63.60
CA GLY D 248 -11.95 -2.09 64.40
C GLY D 248 -10.87 -2.80 63.60
N GLY D 249 -10.92 -2.68 62.28
CA GLY D 249 -9.92 -3.31 61.43
C GLY D 249 -10.28 -4.66 60.83
N MET D 250 -11.51 -5.11 61.04
CA MET D 250 -11.94 -6.41 60.52
C MET D 250 -11.71 -6.62 59.03
N THR D 251 -11.96 -5.59 58.21
CA THR D 251 -11.77 -5.74 56.77
C THR D 251 -10.30 -5.75 56.32
N GLN D 252 -9.38 -5.63 57.26
CA GLN D 252 -7.96 -5.63 56.93
C GLN D 252 -7.30 -7.01 56.97
N TYR D 253 -8.12 -8.07 56.98
CA TYR D 253 -7.65 -9.46 57.00
C TYR D 253 -6.92 -9.82 58.30
N PRO D 254 -7.67 -10.01 59.39
CA PRO D 254 -7.10 -10.33 60.69
C PRO D 254 -6.17 -11.55 60.78
N SER D 255 -6.34 -12.52 59.90
CA SER D 255 -5.50 -13.71 59.94
C SER D 255 -4.05 -13.45 59.54
N PHE D 256 -3.78 -12.29 58.93
CA PHE D 256 -2.43 -11.98 58.50
C PHE D 256 -1.58 -11.16 59.46
N GLN D 257 -2.03 -11.03 60.70
CA GLN D 257 -1.25 -10.29 61.68
C GLN D 257 0.02 -11.07 61.99
N ALA D 258 1.07 -10.37 62.40
CA ALA D 258 2.35 -10.98 62.73
C ALA D 258 3.07 -11.55 61.50
N GLY D 259 2.77 -10.99 60.34
CA GLY D 259 3.42 -11.43 59.11
C GLY D 259 3.23 -12.90 58.77
N ARG D 260 2.05 -13.44 59.03
CA ARG D 260 1.77 -14.84 58.73
C ARG D 260 1.56 -15.03 57.22
N GLY D 261 1.59 -16.30 56.79
CA GLY D 261 1.41 -16.62 55.39
C GLY D 261 2.68 -16.52 54.58
PA NAD E . 41.41 8.90 -32.64
O1A NAD E . 40.28 8.88 -31.68
O2A NAD E . 42.76 8.77 -32.07
O5B NAD E . 41.41 10.23 -33.56
C5B NAD E . 40.19 10.97 -33.77
C4B NAD E . 40.43 12.39 -33.33
O4B NAD E . 39.19 13.08 -33.56
C3B NAD E . 40.75 12.52 -31.84
O3B NAD E . 42.03 13.14 -31.68
C2B NAD E . 39.53 13.31 -31.33
O2B NAD E . 39.87 14.17 -30.21
C1B NAD E . 39.09 14.05 -32.57
N9A NAD E . 37.72 14.50 -32.53
C8A NAD E . 36.59 13.77 -32.24
N7A NAD E . 35.47 14.48 -32.29
C5A NAD E . 35.90 15.75 -32.63
C6A NAD E . 35.20 16.95 -32.83
N6A NAD E . 33.89 17.11 -32.71
N1A NAD E . 35.92 18.06 -33.17
C2A NAD E . 37.27 17.92 -33.30
N3A NAD E . 38.04 16.86 -33.13
C4A NAD E . 37.28 15.79 -32.80
O3 NAD E . 41.14 7.83 -33.72
PN NAD E . 41.98 7.38 -35.04
O1N NAD E . 42.24 5.94 -34.87
O2N NAD E . 43.21 8.22 -35.10
O5D NAD E . 40.88 7.63 -36.14
C5D NAD E . 41.15 8.65 -37.11
C4D NAD E . 40.00 8.67 -38.09
O4D NAD E . 40.17 7.43 -38.83
C3D NAD E . 38.57 8.62 -37.55
O3D NAD E . 37.70 9.33 -38.45
C2D NAD E . 38.27 7.12 -37.56
O2D NAD E . 36.85 6.89 -37.66
C1D NAD E . 39.00 6.67 -38.80
N1N NAD E . 39.33 5.26 -38.77
C2N NAD E . 40.23 4.70 -37.84
C3N NAD E . 40.53 3.25 -37.85
C7N NAD E . 41.47 2.72 -36.83
O7N NAD E . 41.68 1.51 -36.85
N7N NAD E . 42.07 3.50 -35.93
C4N NAD E . 39.87 2.36 -38.89
C5N NAD E . 38.98 3.12 -39.80
C6N NAD E . 38.73 4.42 -39.74
PA NAD F . 6.98 12.60 -52.56
O1A NAD F . 7.49 13.93 -52.19
O2A NAD F . 5.71 12.56 -53.30
O5B NAD F . 6.80 11.64 -51.28
C5B NAD F . 7.57 11.87 -50.08
C4B NAD F . 6.59 12.01 -48.95
O4B NAD F . 7.39 12.25 -47.78
C3B NAD F . 5.65 13.21 -49.10
O3B NAD F . 4.29 12.76 -49.10
C2B NAD F . 6.07 14.10 -47.93
O2B NAD F . 4.97 14.88 -47.40
C1B NAD F . 6.63 13.09 -46.96
N9A NAD F . 7.53 13.65 -45.96
C8A NAD F . 8.61 14.47 -46.17
N7A NAD F . 9.22 14.82 -45.04
C5A NAD F . 8.49 14.20 -44.05
C6A NAD F . 8.64 14.20 -42.66
N6A NAD F . 9.56 14.83 -41.97
N1A NAD F . 7.73 13.47 -41.93
C2A NAD F . 6.76 12.79 -42.62
N3A NAD F . 6.52 12.73 -43.92
C4A NAD F . 7.44 13.47 -44.59
O3 NAD F . 8.11 11.85 -53.31
PN NAD F . 8.18 10.35 -53.95
O1N NAD F . 8.51 10.54 -55.37
O2N NAD F . 6.87 9.69 -53.73
O5D NAD F . 9.42 9.79 -53.16
C5D NAD F . 9.19 8.71 -52.27
C4D NAD F . 10.52 8.29 -51.67
O4D NAD F . 11.23 7.69 -52.79
C3D NAD F . 11.46 9.39 -51.17
O3D NAD F . 12.24 8.88 -50.07
C2D NAD F . 12.34 9.67 -52.38
O2D NAD F . 13.62 10.20 -51.98
C1D NAD F . 12.46 8.30 -52.98
N1N NAD F . 12.78 8.33 -54.39
C2N NAD F . 11.90 8.85 -55.36
C3N NAD F . 12.29 8.88 -56.80
C7N NAD F . 11.33 9.45 -57.75
O7N NAD F . 11.68 9.47 -58.94
N7N NAD F . 10.14 9.94 -57.40
C4N NAD F . 13.61 8.30 -57.21
C5N NAD F . 14.40 7.78 -56.07
C6N NAD F . 14.03 7.80 -54.81
PA NAD G . -29.38 -12.41 26.22
O1A NAD G . -30.65 -11.71 26.51
O2A NAD G . -29.14 -12.75 24.78
O5B NAD G . -29.24 -13.77 27.05
C5B NAD G . -29.94 -13.95 28.29
C4B NAD G . -30.77 -15.21 28.15
O4B NAD G . -31.46 -15.34 29.41
C3B NAD G . -31.84 -15.12 27.08
O3B NAD G . -31.64 -16.17 26.12
C2B NAD G . -33.14 -15.18 27.89
O2B NAD G . -34.22 -15.82 27.18
C1B NAD G . -32.68 -15.92 29.13
N9A NAD G . -33.55 -15.72 30.29
C8A NAD G . -33.98 -14.54 30.82
N7A NAD G . -34.76 -14.69 31.88
C5A NAD G . -34.84 -16.06 32.04
C6A NAD G . -35.53 -16.85 32.98
N6A NAD G . -36.28 -16.42 33.97
N1A NAD G . -35.39 -18.22 32.87
C2A NAD G . -34.61 -18.70 31.86
N3A NAD G . -33.94 -18.06 30.92
C4A NAD G . -34.09 -16.72 31.07
O3 NAD G . -28.22 -11.59 26.79
PN NAD G . -26.61 -11.84 26.82
O1N NAD G . -26.01 -10.66 26.20
O2N NAD G . -26.34 -13.11 26.09
O5D NAD G . -26.37 -11.84 28.37
C5D NAD G . -25.92 -13.06 28.97
C4D NAD G . -25.69 -12.82 30.43
O4D NAD G . -24.50 -11.96 30.45
C3D NAD G . -26.75 -12.03 31.21
O3D NAD G . -26.76 -12.49 32.58
C2D NAD G . -26.23 -10.60 31.12
O2D NAD G . -26.71 -9.80 32.22
C1D NAD G . -24.76 -10.79 31.16
N1N NAD G . -24.02 -9.69 30.57
C2N NAD G . -24.10 -9.38 29.20
C3N NAD G . -23.34 -8.23 28.63
C7N NAD G . -23.48 -7.95 27.21
O7N NAD G . -22.84 -6.97 26.76
N7N NAD G . -24.24 -8.68 26.38
C4N NAD G . -22.46 -7.42 29.56
C5N NAD G . -22.49 -7.89 30.96
C6N NAD G . -23.20 -8.90 31.41
PA NAD H . -31.31 -5.64 65.50
O1A NAD H . -31.94 -6.96 65.20
O2A NAD H . -31.30 -5.24 66.92
O5B NAD H . -32.00 -4.44 64.67
C5B NAD H . -32.69 -4.71 63.44
C4B NAD H . -34.10 -4.17 63.59
O4B NAD H . -34.76 -4.47 62.34
C3B NAD H . -34.90 -4.87 64.68
O3B NAD H . -35.34 -3.90 65.65
C2B NAD H . -35.99 -5.59 63.88
O2B NAD H . -37.24 -5.70 64.62
C1B NAD H . -36.08 -4.72 62.64
N9A NAD H . -36.68 -5.37 61.50
C8A NAD H . -36.36 -6.58 60.95
N7A NAD H . -37.11 -6.91 59.90
C5A NAD H . -37.97 -5.83 59.76
C6A NAD H . -38.99 -5.58 58.83
N6A NAD H . -39.37 -6.38 57.85
N1A NAD H . -39.68 -4.40 58.95
C2A NAD H . -39.30 -3.55 59.97
N3A NAD H . -38.37 -3.68 60.89
C4A NAD H . -37.72 -4.86 60.73
O3 NAD H . -29.90 -5.62 64.90
PN NAD H . -28.76 -4.47 64.86
O1N NAD H . -27.57 -5.09 65.46
O2N NAD H . -29.26 -3.27 65.60
O5D NAD H . -28.58 -4.32 63.31
C5D NAD H . -28.93 -3.07 62.72
C4D NAD H . -28.61 -3.14 61.25
O4D NAD H . -27.16 -3.14 61.21
C3D NAD H . -29.02 -4.39 60.46
O3D NAD H . -29.30 -4.03 59.10
C2D NAD H . -27.78 -5.27 60.55
O2D NAD H . -27.72 -6.17 59.43
C1D NAD H . -26.69 -4.24 60.49
N1N NAD H . -25.45 -4.70 61.06
C2N NAD H . -25.31 -5.00 62.43
C3N NAD H . -24.01 -5.51 62.96
C7N NAD H . -23.93 -5.83 64.40
O7N NAD H . -22.85 -6.26 64.81
N7N NAD H . -24.96 -5.68 65.24
C4N NAD H . -22.84 -5.65 62.03
C5N NAD H . -23.16 -5.27 60.63
C6N NAD H . -24.32 -4.85 60.21
#